data_3R3S
#
_entry.id   3R3S
#
_cell.length_a   75.728
_cell.length_b   80.673
_cell.length_c   96.168
_cell.angle_alpha   90.0
_cell.angle_beta   100.96
_cell.angle_gamma   90.0
#
_symmetry.space_group_name_H-M   'P 1 21 1'
#
loop_
_entity.id
_entity.type
_entity.pdbx_description
1 polymer oxidoreductase
2 non-polymer NICOTINAMIDE-ADENINE-DINUCLEOTIDE
3 non-polymer 'FORMIC ACID'
4 non-polymer 'MAGNESIUM ION'
5 non-polymer 'SULFATE ION'
6 water water
#
_entity_poly.entity_id   1
_entity_poly.type   'polypeptide(L)'
_entity_poly.pdbx_seq_one_letter_code
;MSHLYDPTTQYYTGEYPKQKQPAPGVQAKMTPVPDCGEKSYVGSGRLKDRKALVTGGDSGIGRAAAIAYAREGADVAINY
LPAEEEDAQQVKALIEECGRKAVLLPGDLSDESFARSLVHKAREALGGLDILALVAGKQTAIPEIKDLTSEQFQQTFAVN
VFALFWITQEAIPLLPKGASIITTSSIQAYQPSPHLLDYAATKAAILNYSRGLAKQVAEKGIRVNIVAPGPIWTALQISG
GQTQDKIPQFGQQTPMKRAGQPAELAPVYVYLASQESSYVTAEVHGVCGGEHLG
;
_entity_poly.pdbx_strand_id   A,B,C,D
#
loop_
_chem_comp.id
_chem_comp.type
_chem_comp.name
_chem_comp.formula
FMT non-polymer 'FORMIC ACID' 'C H2 O2'
MG non-polymer 'MAGNESIUM ION' 'Mg 2'
NAD non-polymer NICOTINAMIDE-ADENINE-DINUCLEOTIDE 'C21 H27 N7 O14 P2'
SO4 non-polymer 'SULFATE ION' 'O4 S -2'
#
# COMPACT_ATOMS: atom_id res chain seq x y z
N HIS A 3 -27.25 21.08 -12.01
CA HIS A 3 -26.96 21.94 -10.86
C HIS A 3 -25.72 21.45 -10.12
N LEU A 4 -24.55 21.78 -10.65
CA LEU A 4 -23.27 21.29 -10.14
C LEU A 4 -22.68 22.23 -9.11
N TYR A 5 -22.25 21.68 -7.98
CA TYR A 5 -21.60 22.46 -6.93
C TYR A 5 -20.09 22.20 -6.89
N ASP A 6 -19.32 23.23 -6.53
CA ASP A 6 -17.89 23.09 -6.29
C ASP A 6 -17.70 22.33 -4.96
N PRO A 7 -17.09 21.12 -5.00
CA PRO A 7 -16.96 20.36 -3.76
C PRO A 7 -16.03 21.09 -2.78
N THR A 8 -15.15 21.96 -3.26
CA THR A 8 -14.25 22.61 -2.30
C THR A 8 -14.94 23.60 -1.38
N THR A 9 -16.06 24.15 -1.83
CA THR A 9 -16.79 25.16 -1.04
C THR A 9 -18.15 24.69 -0.55
N GLN A 10 -18.47 23.41 -0.72
CA GLN A 10 -19.83 22.91 -0.48
C GLN A 10 -20.22 22.79 1.00
N TYR A 11 -19.21 22.69 1.85
CA TYR A 11 -19.38 22.55 3.31
C TYR A 11 -18.47 23.57 3.96
N TYR A 12 -18.53 23.64 5.28
CA TYR A 12 -17.82 24.68 6.05
C TYR A 12 -16.34 24.78 5.67
N THR A 13 -15.90 26.00 5.40
CA THR A 13 -14.53 26.28 5.00
C THR A 13 -13.88 27.34 5.90
N GLY A 14 -14.57 27.80 6.92
CA GLY A 14 -13.94 28.67 7.90
C GLY A 14 -12.93 27.99 8.84
N GLU A 15 -12.25 28.73 9.70
CA GLU A 15 -11.42 28.06 10.71
C GLU A 15 -12.39 27.60 11.84
N TYR A 16 -11.99 26.58 12.56
CA TYR A 16 -12.80 26.09 13.67
C TYR A 16 -12.41 26.80 14.96
N PRO A 17 -13.40 27.28 15.74
CA PRO A 17 -13.03 27.83 17.05
C PRO A 17 -12.38 26.77 17.90
N LYS A 18 -11.39 27.15 18.69
CA LYS A 18 -10.88 26.26 19.72
C LYS A 18 -12.03 25.89 20.64
N GLN A 19 -12.11 24.61 20.96
CA GLN A 19 -13.19 24.10 21.80
C GLN A 19 -12.77 22.72 22.29
N LYS A 20 -13.18 22.38 23.51
N LYS A 20 -13.20 22.40 23.50
CA LYS A 20 -12.80 21.12 24.13
CA LYS A 20 -12.86 21.15 24.13
C LYS A 20 -13.94 20.60 25.02
C LYS A 20 -14.06 20.64 24.90
N GLN A 21 -14.25 19.32 24.87
CA GLN A 21 -15.24 18.68 25.70
C GLN A 21 -14.61 17.40 26.28
N PRO A 22 -15.12 16.91 27.42
CA PRO A 22 -14.67 15.59 27.87
C PRO A 22 -15.12 14.53 26.88
N ALA A 23 -14.28 13.54 26.60
CA ALA A 23 -14.68 12.43 25.74
C ALA A 23 -15.90 11.72 26.34
N PRO A 24 -16.83 11.23 25.48
CA PRO A 24 -16.76 11.20 24.02
C PRO A 24 -17.29 12.47 23.33
N GLY A 25 -17.75 13.45 24.13
CA GLY A 25 -18.28 14.68 23.56
C GLY A 25 -19.75 14.58 23.18
N VAL A 26 -20.42 15.73 23.19
CA VAL A 26 -21.81 15.84 22.77
C VAL A 26 -21.76 16.75 21.54
N GLN A 27 -22.13 16.23 20.39
CA GLN A 27 -22.03 17.01 19.16
C GLN A 27 -22.88 18.28 19.12
N ALA A 28 -24.02 18.25 19.80
CA ALA A 28 -24.94 19.38 19.83
C ALA A 28 -24.29 20.63 20.45
N LYS A 29 -23.20 20.45 21.21
CA LYS A 29 -22.49 21.57 21.81
C LYS A 29 -21.38 22.16 20.92
N MET A 30 -21.12 21.55 19.78
CA MET A 30 -20.04 21.98 18.90
C MET A 30 -20.33 23.22 18.07
N THR A 31 -19.25 23.87 17.65
CA THR A 31 -19.36 25.03 16.75
CA THR A 31 -19.37 25.03 16.79
C THR A 31 -18.39 24.85 15.60
N PRO A 32 -18.91 24.58 14.39
CA PRO A 32 -20.31 24.29 14.07
C PRO A 32 -20.69 22.86 14.48
N VAL A 33 -21.99 22.58 14.51
CA VAL A 33 -22.41 21.19 14.70
C VAL A 33 -22.10 20.41 13.41
N PRO A 34 -21.43 19.27 13.53
CA PRO A 34 -21.18 18.46 12.33
C PRO A 34 -22.46 18.21 11.52
N ASP A 35 -22.39 18.36 10.21
CA ASP A 35 -23.53 18.07 9.35
C ASP A 35 -23.50 16.59 9.03
N CYS A 36 -24.51 15.83 9.50
CA CYS A 36 -24.60 14.40 9.28
C CYS A 36 -25.65 14.01 8.25
N GLY A 37 -26.09 14.98 7.42
CA GLY A 37 -27.01 14.69 6.34
C GLY A 37 -28.48 14.77 6.74
N GLU A 38 -28.75 15.30 7.94
CA GLU A 38 -30.12 15.39 8.45
C GLU A 38 -31.06 16.04 7.47
N LYS A 39 -30.60 17.10 6.79
CA LYS A 39 -31.49 17.86 5.90
C LYS A 39 -31.24 17.60 4.42
N SER A 40 -30.24 16.78 4.12
CA SER A 40 -29.80 16.65 2.72
C SER A 40 -29.92 15.24 2.16
N TYR A 41 -29.76 14.19 2.97
CA TYR A 41 -29.66 12.85 2.40
C TYR A 41 -31.02 12.34 1.94
N VAL A 42 -31.13 11.97 0.68
CA VAL A 42 -32.38 11.42 0.12
C VAL A 42 -32.16 9.97 -0.34
N GLY A 43 -32.96 9.05 0.16
CA GLY A 43 -32.85 7.65 -0.21
C GLY A 43 -33.62 7.31 -1.46
N SER A 44 -33.41 6.08 -1.92
CA SER A 44 -34.09 5.54 -3.10
C SER A 44 -34.41 4.07 -2.93
N GLY A 45 -34.54 3.63 -1.68
CA GLY A 45 -34.95 2.25 -1.43
C GLY A 45 -33.83 1.23 -1.56
N ARG A 46 -32.58 1.67 -1.55
CA ARG A 46 -31.46 0.75 -1.73
C ARG A 46 -31.27 -0.19 -0.56
N LEU A 47 -31.90 0.08 0.59
CA LEU A 47 -31.76 -0.80 1.76
C LEU A 47 -33.15 -1.15 2.31
N LYS A 48 -34.13 -1.25 1.43
CA LYS A 48 -35.50 -1.42 1.90
C LYS A 48 -35.65 -2.67 2.77
N ASP A 49 -36.21 -2.48 3.98
CA ASP A 49 -36.48 -3.54 4.95
C ASP A 49 -35.23 -4.26 5.47
N ARG A 50 -34.06 -3.70 5.22
CA ARG A 50 -32.85 -4.19 5.84
C ARG A 50 -32.88 -3.85 7.34
N LYS A 51 -31.99 -4.47 8.09
CA LYS A 51 -31.96 -4.38 9.55
C LYS A 51 -30.54 -4.14 9.98
N ALA A 52 -30.25 -2.93 10.44
CA ALA A 52 -28.87 -2.51 10.71
C ALA A 52 -28.59 -2.25 12.16
N LEU A 53 -27.40 -2.65 12.59
CA LEU A 53 -26.82 -2.19 13.86
C LEU A 53 -25.66 -1.26 13.51
N VAL A 54 -25.67 -0.06 14.11
CA VAL A 54 -24.60 0.93 13.90
C VAL A 54 -24.04 1.30 15.25
N THR A 55 -22.77 0.96 15.49
CA THR A 55 -22.12 1.47 16.70
C THR A 55 -21.62 2.90 16.43
N GLY A 56 -21.55 3.72 17.48
CA GLY A 56 -21.33 5.15 17.29
C GLY A 56 -22.43 5.84 16.51
N GLY A 57 -23.65 5.31 16.61
CA GLY A 57 -24.75 5.80 15.80
C GLY A 57 -25.36 7.10 16.30
N ASP A 58 -24.90 7.59 17.45
CA ASP A 58 -25.44 8.81 18.07
C ASP A 58 -24.91 10.11 17.43
N SER A 59 -23.71 10.06 16.84
CA SER A 59 -23.04 11.29 16.41
C SER A 59 -22.08 10.97 15.26
N GLY A 60 -21.66 12.01 14.58
CA GLY A 60 -20.56 11.89 13.65
C GLY A 60 -20.86 10.96 12.49
N ILE A 61 -19.83 10.22 12.10
CA ILE A 61 -19.93 9.37 10.93
C ILE A 61 -20.96 8.24 11.12
N GLY A 62 -20.98 7.64 12.31
CA GLY A 62 -21.96 6.61 12.57
C GLY A 62 -23.38 7.15 12.46
N ARG A 63 -23.61 8.37 12.99
CA ARG A 63 -24.89 9.01 12.84
C ARG A 63 -25.26 9.25 11.37
N ALA A 64 -24.29 9.69 10.58
CA ALA A 64 -24.56 9.89 9.15
C ALA A 64 -24.97 8.57 8.46
N ALA A 65 -24.29 7.47 8.82
CA ALA A 65 -24.66 6.16 8.31
C ALA A 65 -26.06 5.76 8.78
N ALA A 66 -26.34 5.94 10.07
CA ALA A 66 -27.64 5.56 10.63
C ALA A 66 -28.78 6.30 9.94
N ILE A 67 -28.59 7.62 9.76
CA ILE A 67 -29.60 8.42 9.08
C ILE A 67 -29.80 7.92 7.65
N ALA A 68 -28.70 7.76 6.91
CA ALA A 68 -28.83 7.35 5.53
C ALA A 68 -29.47 5.95 5.38
N TYR A 69 -29.12 5.05 6.30
CA TYR A 69 -29.68 3.70 6.27
C TYR A 69 -31.21 3.78 6.43
N ALA A 70 -31.67 4.57 7.39
CA ALA A 70 -33.11 4.74 7.59
C ALA A 70 -33.72 5.41 6.33
N ARG A 71 -33.05 6.43 5.77
CA ARG A 71 -33.56 7.10 4.57
C ARG A 71 -33.68 6.14 3.40
N GLU A 72 -32.82 5.11 3.38
CA GLU A 72 -32.80 4.08 2.32
C GLU A 72 -33.72 2.91 2.61
N GLY A 73 -34.48 2.99 3.72
CA GLY A 73 -35.52 2.00 3.98
C GLY A 73 -35.20 0.97 5.06
N ALA A 74 -34.09 1.13 5.78
CA ALA A 74 -33.69 0.14 6.79
C ALA A 74 -34.18 0.54 8.17
N ASP A 75 -34.52 -0.47 8.99
CA ASP A 75 -34.66 -0.27 10.44
C ASP A 75 -33.28 -0.24 11.08
N VAL A 76 -33.10 0.59 12.10
CA VAL A 76 -31.75 0.84 12.63
C VAL A 76 -31.69 0.79 14.15
N ALA A 77 -30.79 -0.03 14.67
CA ALA A 77 -30.40 -0.01 16.09
C ALA A 77 -29.07 0.70 16.19
N ILE A 78 -28.98 1.63 17.14
CA ILE A 78 -27.74 2.29 17.43
C ILE A 78 -27.19 1.98 18.82
N ASN A 79 -25.87 1.91 18.92
CA ASN A 79 -25.15 1.79 20.18
C ASN A 79 -24.32 3.07 20.31
N TYR A 80 -24.07 3.45 21.57
CA TYR A 80 -23.40 4.68 21.95
C TYR A 80 -23.23 4.61 23.46
N LEU A 81 -22.53 5.57 24.06
CA LEU A 81 -22.32 5.62 25.50
C LEU A 81 -23.43 6.43 26.18
N PRO A 82 -23.80 6.07 27.41
CA PRO A 82 -24.87 6.82 28.10
C PRO A 82 -24.69 8.34 28.13
N ALA A 83 -23.45 8.82 28.23
CA ALA A 83 -23.21 10.25 28.25
C ALA A 83 -23.74 10.94 27.00
N GLU A 84 -24.00 10.18 25.93
CA GLU A 84 -24.39 10.73 24.63
C GLU A 84 -25.88 10.59 24.38
N GLU A 85 -26.63 10.30 25.43
CA GLU A 85 -28.08 10.08 25.29
C GLU A 85 -28.79 11.21 24.53
N GLU A 86 -28.43 12.45 24.79
CA GLU A 86 -29.07 13.60 24.08
CA GLU A 86 -29.10 13.53 24.09
C GLU A 86 -28.86 13.47 22.57
N ASP A 87 -27.65 13.16 22.13
CA ASP A 87 -27.36 12.99 20.71
C ASP A 87 -28.14 11.77 20.18
N ALA A 88 -28.13 10.67 20.94
CA ALA A 88 -28.85 9.48 20.49
C ALA A 88 -30.34 9.75 20.34
N GLN A 89 -30.93 10.53 21.25
CA GLN A 89 -32.36 10.87 21.12
C GLN A 89 -32.64 11.61 19.82
N GLN A 90 -31.73 12.48 19.38
CA GLN A 90 -31.93 13.16 18.10
CA GLN A 90 -31.94 13.16 18.11
C GLN A 90 -31.94 12.14 16.96
N VAL A 91 -31.04 11.16 17.02
CA VAL A 91 -30.98 10.15 15.98
C VAL A 91 -32.23 9.25 15.99
N LYS A 92 -32.74 8.90 17.18
CA LYS A 92 -33.99 8.17 17.28
C LYS A 92 -35.07 8.89 16.47
N ALA A 93 -35.20 10.20 16.69
CA ALA A 93 -36.22 10.96 16.02
C ALA A 93 -35.99 10.96 14.52
N LEU A 94 -34.73 11.16 14.08
CA LEU A 94 -34.44 11.16 12.65
C LEU A 94 -34.81 9.84 12.00
N ILE A 95 -34.48 8.72 12.64
CA ILE A 95 -34.81 7.41 12.06
C ILE A 95 -36.33 7.27 11.99
N GLU A 96 -37.02 7.64 13.07
CA GLU A 96 -38.48 7.49 13.10
C GLU A 96 -39.15 8.41 12.07
N GLU A 97 -38.54 9.56 11.80
CA GLU A 97 -39.08 10.50 10.81
C GLU A 97 -38.92 9.97 9.38
N CYS A 98 -38.09 8.93 9.21
CA CYS A 98 -38.00 8.20 7.96
C CYS A 98 -39.06 7.11 7.85
N GLY A 99 -39.88 6.97 8.89
CA GLY A 99 -40.90 5.94 8.88
C GLY A 99 -40.36 4.57 9.28
N ARG A 100 -39.16 4.53 9.85
CA ARG A 100 -38.53 3.24 10.21
C ARG A 100 -38.48 3.06 11.71
N LYS A 101 -38.12 1.85 12.14
CA LYS A 101 -37.96 1.54 13.55
C LYS A 101 -36.56 1.92 14.02
N ALA A 102 -36.51 2.63 15.14
CA ALA A 102 -35.26 2.98 15.81
C ALA A 102 -35.15 2.22 17.13
N VAL A 103 -33.97 1.67 17.39
CA VAL A 103 -33.72 0.96 18.64
C VAL A 103 -32.45 1.57 19.23
N LEU A 104 -32.53 2.04 20.47
CA LEU A 104 -31.37 2.62 21.15
C LEU A 104 -30.83 1.61 22.18
N LEU A 105 -29.59 1.21 22.00
CA LEU A 105 -28.94 0.22 22.85
C LEU A 105 -27.64 0.80 23.43
N PRO A 106 -27.75 1.68 24.43
CA PRO A 106 -26.56 2.28 25.03
C PRO A 106 -25.72 1.25 25.77
N GLY A 107 -24.40 1.42 25.77
CA GLY A 107 -23.55 0.55 26.58
C GLY A 107 -22.11 0.68 26.12
N ASP A 108 -21.20 0.28 27.00
CA ASP A 108 -19.77 0.46 26.84
C ASP A 108 -19.19 -0.77 26.13
N LEU A 109 -18.72 -0.57 24.90
CA LEU A 109 -18.14 -1.65 24.10
C LEU A 109 -16.84 -2.24 24.64
N SER A 110 -16.16 -1.56 25.55
CA SER A 110 -14.96 -2.14 26.15
C SER A 110 -15.32 -3.22 27.16
N ASP A 111 -16.59 -3.32 27.53
CA ASP A 111 -17.11 -4.40 28.39
C ASP A 111 -17.44 -5.56 27.44
N GLU A 112 -16.62 -6.61 27.43
CA GLU A 112 -16.84 -7.72 26.51
C GLU A 112 -18.24 -8.31 26.59
N SER A 113 -18.76 -8.50 27.80
CA SER A 113 -20.06 -9.11 27.90
CA SER A 113 -20.11 -9.04 28.04
C SER A 113 -21.12 -8.20 27.29
N PHE A 114 -21.00 -6.89 27.49
CA PHE A 114 -21.94 -6.01 26.82
C PHE A 114 -21.80 -6.05 25.29
N ALA A 115 -20.56 -5.98 24.81
CA ALA A 115 -20.30 -5.97 23.37
C ALA A 115 -20.88 -7.20 22.70
N ARG A 116 -20.69 -8.35 23.33
CA ARG A 116 -21.26 -9.60 22.78
C ARG A 116 -22.79 -9.60 22.83
N SER A 117 -23.35 -9.08 23.91
CA SER A 117 -24.82 -9.06 24.02
C SER A 117 -25.49 -8.17 22.98
N LEU A 118 -24.75 -7.17 22.48
CA LEU A 118 -25.34 -6.14 21.65
C LEU A 118 -25.94 -6.75 20.39
N VAL A 119 -25.24 -7.68 19.76
CA VAL A 119 -25.75 -8.32 18.55
C VAL A 119 -27.09 -9.03 18.82
N HIS A 120 -27.17 -9.72 19.95
CA HIS A 120 -28.40 -10.45 20.29
C HIS A 120 -29.54 -9.47 20.61
N LYS A 121 -29.24 -8.40 21.32
CA LYS A 121 -30.25 -7.39 21.63
C LYS A 121 -30.77 -6.71 20.36
N ALA A 122 -29.86 -6.40 19.43
CA ALA A 122 -30.27 -5.72 18.21
C ALA A 122 -31.12 -6.64 17.37
N ARG A 123 -30.70 -7.89 17.23
CA ARG A 123 -31.44 -8.85 16.41
C ARG A 123 -32.84 -9.08 16.95
N GLU A 124 -32.97 -9.22 18.27
CA GLU A 124 -34.28 -9.41 18.89
C GLU A 124 -35.17 -8.19 18.64
N ALA A 125 -34.64 -6.98 18.85
CA ALA A 125 -35.43 -5.78 18.71
C ALA A 125 -35.88 -5.51 17.28
N LEU A 126 -34.99 -5.80 16.33
CA LEU A 126 -35.26 -5.52 14.92
C LEU A 126 -35.96 -6.66 14.19
N GLY A 127 -36.03 -7.84 14.81
CA GLY A 127 -36.56 -9.02 14.16
C GLY A 127 -35.64 -9.56 13.08
N GLY A 128 -34.33 -9.39 13.26
CA GLY A 128 -33.34 -9.83 12.28
C GLY A 128 -32.15 -8.87 12.28
N LEU A 129 -31.13 -9.15 11.48
CA LEU A 129 -29.93 -8.31 11.42
C LEU A 129 -29.17 -8.67 10.15
N ASP A 130 -28.93 -7.70 9.25
CA ASP A 130 -28.22 -8.00 8.01
C ASP A 130 -27.33 -6.84 7.53
N ILE A 131 -27.15 -5.79 8.34
CA ILE A 131 -26.11 -4.80 8.12
C ILE A 131 -25.48 -4.54 9.47
N LEU A 132 -24.15 -4.55 9.52
CA LEU A 132 -23.43 -4.09 10.72
C LEU A 132 -22.50 -2.98 10.25
N ALA A 133 -22.66 -1.78 10.80
CA ALA A 133 -21.73 -0.69 10.52
C ALA A 133 -21.06 -0.38 11.85
N LEU A 134 -19.78 -0.73 11.94
CA LEU A 134 -19.06 -0.65 13.20
C LEU A 134 -18.19 0.60 13.16
N VAL A 135 -18.68 1.66 13.82
CA VAL A 135 -18.13 3.00 13.64
C VAL A 135 -17.60 3.56 14.94
N ALA A 136 -18.01 3.00 16.09
CA ALA A 136 -17.50 3.51 17.37
C ALA A 136 -15.99 3.51 17.41
N GLY A 137 -15.39 4.52 18.04
CA GLY A 137 -13.96 4.52 18.22
C GLY A 137 -13.55 5.49 19.30
N LYS A 138 -12.44 5.14 19.96
CA LYS A 138 -11.72 6.00 20.90
C LYS A 138 -10.47 6.57 20.19
N GLN A 139 -10.19 7.86 20.41
CA GLN A 139 -9.02 8.52 19.84
C GLN A 139 -8.54 9.58 20.81
N THR A 140 -7.31 9.44 21.31
CA THR A 140 -6.75 10.39 22.27
C THR A 140 -5.36 10.79 21.86
N ALA A 141 -5.16 12.06 21.50
CA ALA A 141 -3.86 12.58 21.11
C ALA A 141 -2.93 12.66 22.31
N ILE A 142 -1.73 12.13 22.16
CA ILE A 142 -0.67 12.24 23.17
C ILE A 142 0.64 12.48 22.41
N PRO A 143 1.17 13.72 22.42
CA PRO A 143 2.35 14.01 21.59
C PRO A 143 3.64 13.27 21.96
N GLU A 144 3.81 12.88 23.21
CA GLU A 144 5.08 12.28 23.63
C GLU A 144 4.79 10.95 24.31
N ILE A 145 5.52 9.91 23.89
CA ILE A 145 5.24 8.55 24.37
C ILE A 145 5.34 8.43 25.88
N LYS A 146 6.17 9.26 26.54
CA LYS A 146 6.27 9.16 27.98
C LYS A 146 4.92 9.38 28.69
N ASP A 147 4.01 10.10 28.02
CA ASP A 147 2.71 10.43 28.59
C ASP A 147 1.58 9.50 28.15
N LEU A 148 1.89 8.47 27.35
CA LEU A 148 0.92 7.51 26.88
CA LEU A 148 0.89 7.51 26.89
C LEU A 148 0.81 6.36 27.88
N THR A 149 -0.29 6.31 28.63
CA THR A 149 -0.37 5.27 29.66
C THR A 149 -0.72 3.92 29.12
N SER A 150 -0.32 2.88 29.84
CA SER A 150 -0.75 1.54 29.49
CA SER A 150 -0.78 1.52 29.49
C SER A 150 -2.29 1.42 29.48
N GLU A 151 -2.93 2.07 30.44
CA GLU A 151 -4.40 2.03 30.53
C GLU A 151 -5.02 2.63 29.27
N GLN A 152 -4.52 3.75 28.80
CA GLN A 152 -5.05 4.34 27.60
C GLN A 152 -4.80 3.42 26.39
N PHE A 153 -3.56 2.94 26.28
CA PHE A 153 -3.20 2.12 25.12
C PHE A 153 -4.13 0.93 25.02
N GLN A 154 -4.30 0.24 26.15
CA GLN A 154 -5.15 -0.94 26.16
C GLN A 154 -6.61 -0.60 25.89
N GLN A 155 -7.11 0.50 26.45
CA GLN A 155 -8.50 0.88 26.26
C GLN A 155 -8.79 1.24 24.80
N THR A 156 -7.83 1.90 24.14
CA THR A 156 -7.99 2.20 22.72
C THR A 156 -8.12 0.90 21.91
N PHE A 157 -7.27 -0.08 22.24
CA PHE A 157 -7.42 -1.38 21.58
C PHE A 157 -8.71 -2.11 21.95
N ALA A 158 -9.18 -1.98 23.20
CA ALA A 158 -10.44 -2.63 23.59
C ALA A 158 -11.62 -2.10 22.78
N VAL A 159 -11.74 -0.77 22.69
CA VAL A 159 -12.88 -0.19 22.00
C VAL A 159 -12.77 -0.41 20.49
N ASN A 160 -11.57 -0.25 19.93
CA ASN A 160 -11.44 -0.18 18.49
C ASN A 160 -11.17 -1.52 17.83
N VAL A 161 -10.51 -2.43 18.55
CA VAL A 161 -10.13 -3.73 17.98
C VAL A 161 -10.88 -4.88 18.66
N PHE A 162 -10.72 -5.01 19.97
CA PHE A 162 -11.34 -6.16 20.66
C PHE A 162 -12.86 -6.16 20.46
N ALA A 163 -13.51 -5.00 20.57
CA ALA A 163 -14.97 -4.96 20.42
C ALA A 163 -15.37 -5.31 19.00
N LEU A 164 -14.53 -4.96 18.02
CA LEU A 164 -14.80 -5.37 16.63
C LEU A 164 -14.85 -6.89 16.50
N PHE A 165 -13.86 -7.53 17.11
CA PHE A 165 -13.81 -9.00 17.17
C PHE A 165 -15.01 -9.58 17.95
N TRP A 166 -15.30 -9.02 19.13
CA TRP A 166 -16.41 -9.58 19.94
C TRP A 166 -17.73 -9.51 19.18
N ILE A 167 -18.04 -8.36 18.57
CA ILE A 167 -19.28 -8.19 17.84
C ILE A 167 -19.32 -9.09 16.62
N THR A 168 -18.26 -9.07 15.81
CA THR A 168 -18.31 -9.87 14.59
C THR A 168 -18.37 -11.37 14.90
N GLN A 169 -17.63 -11.84 15.92
CA GLN A 169 -17.72 -13.26 16.27
C GLN A 169 -19.16 -13.64 16.63
N GLU A 170 -19.85 -12.80 17.41
CA GLU A 170 -21.23 -13.12 17.78
C GLU A 170 -22.14 -13.06 16.56
N ALA A 171 -21.86 -12.15 15.60
CA ALA A 171 -22.77 -11.94 14.48
C ALA A 171 -22.67 -13.02 13.41
N ILE A 172 -21.48 -13.51 13.12
CA ILE A 172 -21.32 -14.38 11.96
C ILE A 172 -22.29 -15.57 11.92
N PRO A 173 -22.47 -16.31 13.03
CA PRO A 173 -23.36 -17.49 12.94
C PRO A 173 -24.81 -17.12 12.64
N LEU A 174 -25.19 -15.86 12.90
CA LEU A 174 -26.57 -15.41 12.75
C LEU A 174 -26.87 -14.63 11.48
N LEU A 175 -25.84 -14.17 10.78
CA LEU A 175 -26.05 -13.32 9.62
C LEU A 175 -26.47 -14.12 8.41
N PRO A 176 -27.50 -13.65 7.70
CA PRO A 176 -27.94 -14.37 6.49
C PRO A 176 -27.01 -14.14 5.32
N LYS A 177 -27.10 -15.01 4.33
CA LYS A 177 -26.45 -14.75 3.05
C LYS A 177 -26.91 -13.38 2.54
N GLY A 178 -25.97 -12.61 2.01
CA GLY A 178 -26.28 -11.24 1.58
C GLY A 178 -25.98 -10.19 2.63
N ALA A 179 -25.70 -10.59 3.87
CA ALA A 179 -25.40 -9.61 4.90
C ALA A 179 -24.11 -8.86 4.59
N SER A 180 -24.01 -7.64 5.12
CA SER A 180 -22.90 -6.75 4.82
C SER A 180 -22.38 -6.11 6.11
N ILE A 181 -21.07 -6.27 6.35
CA ILE A 181 -20.40 -5.69 7.50
C ILE A 181 -19.46 -4.59 6.99
N ILE A 182 -19.54 -3.42 7.63
CA ILE A 182 -18.72 -2.28 7.23
C ILE A 182 -17.98 -1.82 8.48
N THR A 183 -16.65 -1.82 8.42
CA THR A 183 -15.83 -1.39 9.54
C THR A 183 -15.18 -0.04 9.22
N THR A 184 -14.56 0.57 10.23
CA THR A 184 -14.09 1.96 10.08
C THR A 184 -12.65 2.09 10.49
N SER A 185 -11.81 2.30 9.50
CA SER A 185 -10.39 2.56 9.65
C SER A 185 -10.17 4.07 9.52
N SER A 186 -9.06 4.48 8.90
CA SER A 186 -8.68 5.90 8.81
C SER A 186 -7.50 6.03 7.86
N ILE A 187 -7.33 7.23 7.31
CA ILE A 187 -6.03 7.57 6.72
C ILE A 187 -4.85 7.26 7.68
N GLN A 188 -5.13 7.35 8.99
CA GLN A 188 -4.08 7.03 9.96
C GLN A 188 -3.52 5.59 9.84
N ALA A 189 -4.30 4.67 9.25
CA ALA A 189 -3.80 3.30 9.03
C ALA A 189 -2.63 3.29 8.05
N TYR A 190 -2.61 4.26 7.13
CA TYR A 190 -1.52 4.39 6.13
C TYR A 190 -0.47 5.42 6.49
N GLN A 191 -0.91 6.50 7.15
CA GLN A 191 -0.05 7.63 7.46
C GLN A 191 -0.19 7.95 8.94
N PRO A 192 0.38 7.13 9.82
CA PRO A 192 0.15 7.33 11.25
C PRO A 192 0.86 8.59 11.74
N SER A 193 0.15 9.38 12.52
CA SER A 193 0.74 10.57 13.11
C SER A 193 1.40 10.28 14.47
N PRO A 194 2.48 10.99 14.79
CA PRO A 194 3.23 10.69 16.02
C PRO A 194 2.44 10.99 17.30
N HIS A 195 1.35 11.76 17.23
CA HIS A 195 0.54 11.98 18.42
C HIS A 195 -0.59 10.97 18.61
N LEU A 196 -0.64 9.95 17.74
CA LEU A 196 -1.72 8.97 17.77
C LEU A 196 -1.17 7.54 17.72
N LEU A 197 -0.15 7.24 18.53
CA LEU A 197 0.54 5.94 18.41
C LEU A 197 -0.42 4.75 18.57
N ASP A 198 -1.21 4.75 19.65
CA ASP A 198 -2.15 3.66 19.88
C ASP A 198 -3.29 3.66 18.87
N TYR A 199 -3.91 4.82 18.70
CA TYR A 199 -5.05 4.97 17.82
C TYR A 199 -4.74 4.54 16.39
N ALA A 200 -3.65 5.06 15.81
CA ALA A 200 -3.37 4.74 14.42
C ALA A 200 -3.12 3.24 14.26
N ALA A 201 -2.46 2.63 15.25
CA ALA A 201 -2.20 1.20 15.21
C ALA A 201 -3.51 0.40 15.25
N THR A 202 -4.50 0.87 16.02
CA THR A 202 -5.81 0.20 16.00
C THR A 202 -6.50 0.34 14.62
N LYS A 203 -6.30 1.48 13.93
CA LYS A 203 -6.92 1.67 12.65
C LYS A 203 -6.33 0.73 11.61
N ALA A 204 -5.02 0.50 11.68
CA ALA A 204 -4.36 -0.50 10.85
C ALA A 204 -4.86 -1.91 11.19
N ALA A 205 -5.00 -2.23 12.48
CA ALA A 205 -5.50 -3.55 12.89
C ALA A 205 -6.92 -3.79 12.39
N ILE A 206 -7.77 -2.75 12.42
CA ILE A 206 -9.14 -2.89 11.95
C ILE A 206 -9.15 -3.23 10.46
N LEU A 207 -8.35 -2.50 9.69
CA LEU A 207 -8.33 -2.71 8.26
C LEU A 207 -7.93 -4.17 7.96
N ASN A 208 -6.86 -4.63 8.63
CA ASN A 208 -6.33 -5.96 8.39
C ASN A 208 -7.33 -7.04 8.81
N TYR A 209 -7.84 -6.94 10.03
CA TYR A 209 -8.81 -7.91 10.55
C TYR A 209 -10.01 -8.01 9.63
N SER A 210 -10.45 -6.88 9.09
CA SER A 210 -11.62 -6.89 8.22
C SER A 210 -11.36 -7.66 6.93
N ARG A 211 -10.16 -7.49 6.36
N ARG A 211 -10.16 -7.50 6.36
CA ARG A 211 -9.82 -8.23 5.15
CA ARG A 211 -9.81 -8.24 5.14
C ARG A 211 -9.76 -9.73 5.46
C ARG A 211 -9.67 -9.75 5.41
N GLY A 212 -9.11 -10.11 6.55
CA GLY A 212 -9.02 -11.54 6.90
C GLY A 212 -10.41 -12.12 7.12
N LEU A 213 -11.24 -11.38 7.86
CA LEU A 213 -12.61 -11.84 8.12
C LEU A 213 -13.38 -12.01 6.82
N ALA A 214 -13.27 -11.03 5.91
CA ALA A 214 -13.91 -11.11 4.59
C ALA A 214 -13.55 -12.43 3.91
N LYS A 215 -12.26 -12.79 3.95
CA LYS A 215 -11.84 -14.02 3.28
C LYS A 215 -12.45 -15.24 3.94
N GLN A 216 -12.56 -15.19 5.26
CA GLN A 216 -13.10 -16.33 5.97
C GLN A 216 -14.59 -16.52 5.76
N VAL A 217 -15.34 -15.43 5.58
CA VAL A 217 -16.81 -15.55 5.58
C VAL A 217 -17.42 -15.41 4.17
N ALA A 218 -16.57 -15.23 3.14
CA ALA A 218 -17.08 -15.10 1.79
C ALA A 218 -17.96 -16.30 1.45
N GLU A 219 -17.57 -17.51 1.86
CA GLU A 219 -18.32 -18.73 1.53
C GLU A 219 -19.71 -18.73 2.14
N LYS A 220 -19.91 -17.99 3.23
CA LYS A 220 -21.22 -17.86 3.89
C LYS A 220 -22.09 -16.76 3.25
N GLY A 221 -21.61 -16.14 2.18
CA GLY A 221 -22.36 -15.08 1.52
C GLY A 221 -22.37 -13.76 2.25
N ILE A 222 -21.43 -13.58 3.17
CA ILE A 222 -21.30 -12.33 3.95
C ILE A 222 -20.14 -11.53 3.36
N ARG A 223 -20.32 -10.22 3.19
CA ARG A 223 -19.25 -9.34 2.73
C ARG A 223 -18.77 -8.48 3.88
N VAL A 224 -17.46 -8.15 3.89
CA VAL A 224 -16.88 -7.30 4.94
C VAL A 224 -16.01 -6.30 4.24
N ASN A 225 -16.28 -5.02 4.45
CA ASN A 225 -15.52 -3.95 3.77
C ASN A 225 -15.21 -2.87 4.78
N ILE A 226 -14.32 -1.94 4.38
CA ILE A 226 -13.77 -0.95 5.31
C ILE A 226 -13.95 0.45 4.72
N VAL A 227 -14.31 1.40 5.57
CA VAL A 227 -14.29 2.82 5.17
C VAL A 227 -13.18 3.50 5.97
N ALA A 228 -12.33 4.25 5.27
CA ALA A 228 -11.20 4.94 5.92
C ALA A 228 -11.32 6.45 5.64
N PRO A 229 -11.94 7.16 6.56
CA PRO A 229 -12.04 8.63 6.37
C PRO A 229 -10.72 9.34 6.58
N GLY A 230 -10.64 10.53 5.99
CA GLY A 230 -9.62 11.55 6.30
C GLY A 230 -10.15 12.46 7.40
N PRO A 231 -9.76 13.75 7.37
CA PRO A 231 -10.13 14.64 8.48
C PRO A 231 -11.60 15.05 8.36
N ILE A 232 -12.42 14.53 9.28
CA ILE A 232 -13.85 14.81 9.31
C ILE A 232 -14.19 15.55 10.60
N TRP A 233 -14.95 16.63 10.49
CA TRP A 233 -15.30 17.42 11.67
C TRP A 233 -16.32 16.67 12.55
N THR A 234 -15.87 16.23 13.74
CA THR A 234 -16.69 15.41 14.64
C THR A 234 -16.28 15.62 16.08
N ALA A 235 -17.15 15.15 16.98
CA ALA A 235 -16.89 15.25 18.41
C ALA A 235 -15.64 14.52 18.87
N LEU A 236 -15.23 13.49 18.12
CA LEU A 236 -14.02 12.77 18.44
C LEU A 236 -12.81 13.70 18.42
N GLN A 237 -12.83 14.67 17.51
CA GLN A 237 -11.69 15.53 17.29
C GLN A 237 -11.58 16.62 18.33
N ILE A 238 -12.71 17.05 18.91
CA ILE A 238 -12.71 18.12 19.90
C ILE A 238 -12.80 17.63 21.35
N SER A 239 -12.83 16.31 21.55
CA SER A 239 -12.90 15.73 22.90
C SER A 239 -11.63 14.99 23.26
N GLY A 240 -10.54 15.35 22.58
CA GLY A 240 -9.22 14.82 22.90
C GLY A 240 -8.53 14.16 21.73
N GLY A 241 -9.22 13.98 20.61
CA GLY A 241 -8.61 13.29 19.47
C GLY A 241 -7.51 14.10 18.80
N GLN A 242 -7.60 15.42 18.89
CA GLN A 242 -6.56 16.32 18.38
C GLN A 242 -6.06 17.20 19.49
N THR A 243 -4.81 17.64 19.38
CA THR A 243 -4.34 18.69 20.27
C THR A 243 -5.09 19.97 19.92
N GLN A 244 -5.23 20.84 20.91
CA GLN A 244 -6.06 22.03 20.75
C GLN A 244 -5.55 22.92 19.63
N ASP A 245 -4.26 23.00 19.48
CA ASP A 245 -3.67 23.90 18.49
C ASP A 245 -3.93 23.44 17.04
N LYS A 246 -4.29 22.17 16.86
CA LYS A 246 -4.56 21.60 15.53
CA LYS A 246 -4.56 21.64 15.53
C LYS A 246 -6.01 21.84 15.09
N ILE A 247 -6.85 22.32 16.00
CA ILE A 247 -8.27 22.45 15.69
CA ILE A 247 -8.27 22.45 15.69
C ILE A 247 -8.60 23.57 14.68
N PRO A 248 -8.07 24.80 14.89
CA PRO A 248 -8.51 25.87 13.97
C PRO A 248 -8.31 25.53 12.47
N GLN A 249 -7.15 24.96 12.12
CA GLN A 249 -6.83 24.64 10.73
CA GLN A 249 -6.88 24.66 10.72
C GLN A 249 -7.17 23.21 10.33
N PHE A 250 -7.92 22.49 11.16
CA PHE A 250 -8.26 21.12 10.91
C PHE A 250 -8.82 20.95 9.49
N GLY A 251 -8.22 20.03 8.73
CA GLY A 251 -8.70 19.74 7.39
C GLY A 251 -8.07 20.59 6.29
N GLN A 252 -7.45 21.71 6.63
CA GLN A 252 -7.03 22.65 5.60
C GLN A 252 -5.81 22.19 4.83
N GLN A 253 -5.10 21.16 5.35
CA GLN A 253 -3.95 20.64 4.62
C GLN A 253 -4.32 19.68 3.50
N THR A 254 -5.58 19.26 3.44
CA THR A 254 -5.96 18.37 2.34
C THR A 254 -5.98 19.12 1.01
N PRO A 255 -5.86 18.37 -0.11
CA PRO A 255 -6.01 19.06 -1.41
C PRO A 255 -7.30 19.87 -1.53
N MET A 256 -8.39 19.44 -0.93
CA MET A 256 -9.62 20.20 -1.03
CA MET A 256 -9.68 20.13 -0.95
C MET A 256 -9.68 21.39 -0.10
N LYS A 257 -8.71 21.48 0.82
CA LYS A 257 -8.50 22.67 1.68
C LYS A 257 -9.59 22.89 2.71
N ARG A 258 -10.34 21.84 3.00
CA ARG A 258 -11.33 21.88 4.08
C ARG A 258 -11.40 20.50 4.71
N ALA A 259 -11.95 20.43 5.91
CA ALA A 259 -12.34 19.14 6.50
C ALA A 259 -13.59 18.62 5.82
N GLY A 260 -13.80 17.31 5.92
CA GLY A 260 -15.07 16.73 5.52
C GLY A 260 -16.14 16.89 6.58
N GLN A 261 -17.40 16.76 6.18
CA GLN A 261 -18.49 16.62 7.16
C GLN A 261 -18.97 15.18 7.15
N PRO A 262 -19.53 14.71 8.29
CA PRO A 262 -19.98 13.31 8.34
C PRO A 262 -20.95 12.96 7.22
N ALA A 263 -21.77 13.93 6.79
CA ALA A 263 -22.73 13.70 5.70
C ALA A 263 -22.05 13.04 4.50
N GLU A 264 -20.80 13.44 4.26
CA GLU A 264 -20.04 13.02 3.08
C GLU A 264 -19.56 11.59 3.11
N LEU A 265 -19.71 10.95 4.28
CA LEU A 265 -19.38 9.53 4.43
C LEU A 265 -20.58 8.63 4.17
N ALA A 266 -21.81 9.16 4.24
CA ALA A 266 -22.97 8.28 4.15
C ALA A 266 -23.05 7.54 2.82
N PRO A 267 -22.73 8.20 1.68
CA PRO A 267 -22.91 7.47 0.42
C PRO A 267 -22.08 6.18 0.35
N VAL A 268 -20.84 6.17 0.83
CA VAL A 268 -20.06 4.95 0.74
C VAL A 268 -20.58 3.87 1.72
N TYR A 269 -21.07 4.29 2.90
CA TYR A 269 -21.66 3.31 3.82
C TYR A 269 -22.91 2.66 3.20
N VAL A 270 -23.68 3.44 2.41
CA VAL A 270 -24.85 2.91 1.73
C VAL A 270 -24.44 1.97 0.59
N TYR A 271 -23.48 2.40 -0.21
CA TYR A 271 -22.94 1.58 -1.30
C TYR A 271 -22.51 0.21 -0.78
N LEU A 272 -21.78 0.17 0.32
CA LEU A 272 -21.25 -1.07 0.82
C LEU A 272 -22.33 -1.94 1.49
N ALA A 273 -23.31 -1.33 2.18
CA ALA A 273 -24.41 -2.09 2.78
C ALA A 273 -25.30 -2.70 1.70
N SER A 274 -25.51 -1.97 0.62
CA SER A 274 -26.42 -2.34 -0.45
C SER A 274 -25.94 -3.60 -1.18
N GLN A 275 -26.89 -4.37 -1.69
CA GLN A 275 -26.58 -5.53 -2.49
C GLN A 275 -25.90 -5.14 -3.82
N GLU A 276 -25.92 -3.86 -4.16
CA GLU A 276 -25.27 -3.40 -5.39
C GLU A 276 -23.75 -3.67 -5.37
N SER A 277 -23.14 -3.76 -4.18
CA SER A 277 -21.69 -3.97 -4.07
C SER A 277 -21.37 -5.47 -3.95
N SER A 278 -22.12 -6.30 -4.69
CA SER A 278 -22.01 -7.75 -4.64
C SER A 278 -20.63 -8.32 -4.94
N TYR A 279 -19.79 -7.62 -5.70
CA TYR A 279 -18.45 -8.13 -5.99
C TYR A 279 -17.39 -7.43 -5.17
N VAL A 280 -17.83 -6.73 -4.12
CA VAL A 280 -16.91 -5.97 -3.29
C VAL A 280 -16.82 -6.59 -1.90
N THR A 281 -15.66 -7.18 -1.57
CA THR A 281 -15.41 -7.62 -0.21
C THR A 281 -13.91 -7.49 0.03
N ALA A 282 -13.56 -7.26 1.30
CA ALA A 282 -12.19 -7.03 1.76
C ALA A 282 -11.56 -5.73 1.26
N GLU A 283 -12.38 -4.75 0.80
CA GLU A 283 -11.84 -3.52 0.20
C GLU A 283 -11.99 -2.32 1.13
N VAL A 284 -11.02 -1.42 1.08
CA VAL A 284 -11.06 -0.20 1.87
C VAL A 284 -11.40 0.97 0.95
N HIS A 285 -12.16 1.91 1.49
CA HIS A 285 -12.70 3.03 0.69
C HIS A 285 -12.34 4.32 1.40
N GLY A 286 -11.54 5.16 0.73
CA GLY A 286 -11.10 6.41 1.31
C GLY A 286 -12.07 7.55 1.02
N VAL A 287 -12.28 8.41 2.02
CA VAL A 287 -13.08 9.63 1.87
C VAL A 287 -12.27 10.70 2.65
N CYS A 288 -11.25 11.23 1.96
CA CYS A 288 -10.20 12.01 2.62
C CYS A 288 -9.86 13.39 2.05
N GLY A 289 -10.68 13.92 1.17
CA GLY A 289 -10.41 15.25 0.62
C GLY A 289 -9.14 15.32 -0.22
N GLY A 290 -8.70 14.19 -0.74
CA GLY A 290 -7.46 14.10 -1.49
C GLY A 290 -6.23 13.69 -0.67
N GLU A 291 -6.34 13.55 0.65
CA GLU A 291 -5.25 13.04 1.49
C GLU A 291 -5.43 11.51 1.41
N HIS A 292 -5.06 10.99 0.25
CA HIS A 292 -5.43 9.64 -0.14
C HIS A 292 -4.77 8.50 0.62
N LEU A 293 -5.54 7.38 0.66
CA LEU A 293 -4.99 6.12 1.15
C LEU A 293 -3.89 5.60 0.25
N GLY A 294 -3.15 4.67 0.84
N GLY A 294 -3.25 4.51 0.64
CA GLY A 294 -2.10 3.93 0.14
CA GLY A 294 -2.45 3.79 -0.36
C GLY A 294 -0.79 3.92 0.92
C GLY A 294 -3.28 3.01 -1.40
N HIS B 3 -35.45 -9.08 0.69
CA HIS B 3 -35.10 -10.05 -0.34
C HIS B 3 -33.60 -10.02 -0.63
N LEU B 4 -32.86 -10.75 0.18
CA LEU B 4 -31.40 -10.77 0.15
C LEU B 4 -30.89 -11.89 -0.70
N TYR B 5 -29.99 -11.58 -1.61
CA TYR B 5 -29.35 -12.59 -2.44
C TYR B 5 -27.92 -12.93 -1.96
N ASP B 6 -27.49 -14.17 -2.16
CA ASP B 6 -26.13 -14.58 -1.87
C ASP B 6 -25.23 -14.05 -2.99
N PRO B 7 -24.29 -13.14 -2.69
CA PRO B 7 -23.48 -12.58 -3.78
C PRO B 7 -22.58 -13.63 -4.45
N THR B 8 -22.25 -14.73 -3.76
CA THR B 8 -21.41 -15.74 -4.40
C THR B 8 -22.11 -16.46 -5.56
N THR B 9 -23.44 -16.53 -5.53
CA THR B 9 -24.16 -17.31 -6.56
C THR B 9 -24.99 -16.42 -7.47
N GLN B 10 -24.87 -15.10 -7.31
CA GLN B 10 -25.76 -14.16 -7.99
C GLN B 10 -25.54 -14.06 -9.49
N TYR B 11 -24.34 -14.37 -9.94
CA TYR B 11 -23.97 -14.31 -11.36
C TYR B 11 -23.36 -15.64 -11.73
N TYR B 12 -23.03 -15.80 -13.00
CA TYR B 12 -22.57 -17.10 -13.52
C TYR B 12 -21.39 -17.65 -12.73
N THR B 13 -21.47 -18.92 -12.37
CA THR B 13 -20.46 -19.57 -11.56
C THR B 13 -19.87 -20.81 -12.20
N GLY B 14 -20.36 -21.20 -13.38
CA GLY B 14 -19.80 -22.35 -14.10
C GLY B 14 -18.45 -22.03 -14.75
N GLU B 15 -17.82 -23.03 -15.33
CA GLU B 15 -16.59 -22.77 -16.09
C GLU B 15 -16.93 -22.09 -17.40
N TYR B 16 -16.03 -21.24 -17.88
CA TYR B 16 -16.19 -20.56 -19.15
C TYR B 16 -15.71 -21.45 -20.29
N PRO B 17 -16.52 -21.53 -21.35
CA PRO B 17 -16.03 -22.18 -22.57
C PRO B 17 -14.74 -21.51 -23.09
N LYS B 18 -13.79 -22.30 -23.56
CA LYS B 18 -12.64 -21.70 -24.22
C LYS B 18 -13.15 -21.04 -25.48
N GLN B 19 -12.60 -19.86 -25.80
CA GLN B 19 -13.11 -19.05 -26.91
C GLN B 19 -12.07 -17.99 -27.15
N LYS B 20 -11.93 -17.59 -28.40
CA LYS B 20 -10.94 -16.59 -28.76
CA LYS B 20 -10.97 -16.55 -28.76
C LYS B 20 -11.54 -15.68 -29.81
N GLN B 21 -11.17 -14.40 -29.82
CA GLN B 21 -11.54 -13.45 -30.87
C GLN B 21 -10.32 -12.57 -31.07
N PRO B 22 -10.16 -12.00 -32.28
CA PRO B 22 -9.12 -10.97 -32.44
C PRO B 22 -9.43 -9.76 -31.58
N ALA B 23 -8.40 -9.14 -30.97
CA ALA B 23 -8.64 -7.95 -30.17
C ALA B 23 -9.21 -6.83 -31.06
N PRO B 24 -10.10 -5.98 -30.52
CA PRO B 24 -10.53 -5.90 -29.12
C PRO B 24 -11.72 -6.82 -28.78
N GLY B 25 -12.21 -7.58 -29.76
CA GLY B 25 -13.32 -8.48 -29.50
C GLY B 25 -14.68 -7.82 -29.61
N VAL B 26 -15.69 -8.61 -29.93
CA VAL B 26 -17.07 -8.16 -29.94
C VAL B 26 -17.77 -8.94 -28.84
N GLN B 27 -18.22 -8.25 -27.80
CA GLN B 27 -18.75 -8.97 -26.65
C GLN B 27 -20.05 -9.68 -26.97
N ALA B 28 -20.81 -9.17 -27.95
CA ALA B 28 -22.06 -9.83 -28.35
C ALA B 28 -21.83 -11.24 -28.89
N LYS B 29 -20.58 -11.58 -29.21
CA LYS B 29 -20.21 -12.89 -29.74
C LYS B 29 -19.67 -13.86 -28.70
N MET B 30 -19.57 -13.41 -27.44
CA MET B 30 -19.03 -14.23 -26.36
C MET B 30 -20.03 -15.22 -25.79
N THR B 31 -19.49 -16.23 -25.13
CA THR B 31 -20.28 -17.27 -24.45
C THR B 31 -19.86 -17.38 -22.99
N PRO B 32 -20.66 -16.86 -22.05
CA PRO B 32 -21.86 -16.04 -22.22
C PRO B 32 -21.50 -14.59 -22.56
N VAL B 33 -22.45 -13.84 -23.09
CA VAL B 33 -22.24 -12.41 -23.24
C VAL B 33 -22.14 -11.79 -21.84
N PRO B 34 -21.13 -10.94 -21.61
CA PRO B 34 -21.03 -10.30 -20.30
C PRO B 34 -22.33 -9.55 -19.93
N ASP B 35 -22.75 -9.64 -18.67
CA ASP B 35 -23.90 -8.93 -18.19
C ASP B 35 -23.44 -7.55 -17.77
N CYS B 36 -23.88 -6.50 -18.48
CA CYS B 36 -23.50 -5.12 -18.18
C CYS B 36 -24.61 -4.34 -17.52
N GLY B 37 -25.60 -5.05 -16.96
CA GLY B 37 -26.66 -4.37 -16.25
C GLY B 37 -27.85 -3.96 -17.09
N GLU B 38 -27.90 -4.43 -18.33
CA GLU B 38 -28.99 -4.03 -19.23
C GLU B 38 -30.38 -4.27 -18.65
N LYS B 39 -30.54 -5.42 -17.99
CA LYS B 39 -31.86 -5.79 -17.43
C LYS B 39 -32.03 -5.42 -15.97
N SER B 40 -30.95 -5.07 -15.30
CA SER B 40 -30.99 -4.95 -13.85
C SER B 40 -30.76 -3.56 -13.27
N TYR B 41 -30.00 -2.69 -13.96
CA TYR B 41 -29.62 -1.44 -13.32
C TYR B 41 -30.82 -0.47 -13.31
N VAL B 42 -31.15 0.04 -12.14
CA VAL B 42 -32.25 1.02 -11.99
C VAL B 42 -31.68 2.29 -11.37
N GLY B 43 -31.89 3.42 -12.04
CA GLY B 43 -31.42 4.70 -11.56
C GLY B 43 -32.37 5.40 -10.60
N SER B 44 -31.87 6.48 -10.02
CA SER B 44 -32.67 7.29 -9.10
C SER B 44 -32.35 8.77 -9.29
N GLY B 45 -31.92 9.14 -10.49
CA GLY B 45 -31.64 10.53 -10.80
C GLY B 45 -30.38 11.09 -10.19
N ARG B 46 -29.42 10.25 -9.81
CA ARG B 46 -28.19 10.72 -9.20
C ARG B 46 -27.28 11.47 -10.14
N LEU B 47 -27.55 11.39 -11.44
CA LEU B 47 -26.76 12.12 -12.44
C LEU B 47 -27.65 12.94 -13.38
N LYS B 48 -28.76 13.45 -12.86
CA LYS B 48 -29.71 14.15 -13.73
C LYS B 48 -29.05 15.31 -14.47
N ASP B 49 -29.22 15.28 -15.78
CA ASP B 49 -28.75 16.26 -16.73
C ASP B 49 -27.24 16.44 -16.79
N ARG B 50 -26.53 15.42 -16.33
CA ARG B 50 -25.08 15.40 -16.41
C ARG B 50 -24.76 14.99 -17.85
N LYS B 51 -23.50 15.17 -18.23
CA LYS B 51 -23.06 14.92 -19.61
C LYS B 51 -21.74 14.17 -19.54
N ALA B 52 -21.74 12.93 -20.01
CA ALA B 52 -20.61 12.02 -19.81
C ALA B 52 -19.95 11.60 -21.10
N LEU B 53 -18.63 11.49 -21.07
CA LEU B 53 -17.87 10.80 -22.10
C LEU B 53 -17.30 9.53 -21.48
N VAL B 54 -17.56 8.38 -22.12
CA VAL B 54 -17.04 7.11 -21.63
C VAL B 54 -16.21 6.48 -22.75
N THR B 55 -14.90 6.30 -22.51
CA THR B 55 -14.12 5.51 -23.46
C THR B 55 -14.30 4.04 -23.13
N GLY B 56 -14.19 3.16 -24.14
CA GLY B 56 -14.56 1.76 -23.98
C GLY B 56 -16.04 1.63 -23.63
N GLY B 57 -16.89 2.54 -24.11
CA GLY B 57 -18.28 2.51 -23.71
C GLY B 57 -19.13 1.54 -24.51
N ASP B 58 -18.52 0.86 -25.47
CA ASP B 58 -19.22 -0.14 -26.32
C ASP B 58 -19.46 -1.48 -25.61
N SER B 59 -18.60 -1.84 -24.65
CA SER B 59 -18.59 -3.20 -24.11
C SER B 59 -18.04 -3.20 -22.70
N GLY B 60 -18.28 -4.29 -21.99
CA GLY B 60 -17.57 -4.53 -20.74
C GLY B 60 -17.89 -3.49 -19.67
N ILE B 61 -16.86 -3.14 -18.90
CA ILE B 61 -17.02 -2.23 -17.78
C ILE B 61 -17.46 -0.84 -18.25
N GLY B 62 -16.86 -0.33 -19.33
CA GLY B 62 -17.26 0.98 -19.81
C GLY B 62 -18.74 0.99 -20.24
N ARG B 63 -19.19 -0.09 -20.87
CA ARG B 63 -20.60 -0.21 -21.21
C ARG B 63 -21.48 -0.21 -19.96
N ALA B 64 -21.07 -0.95 -18.92
CA ALA B 64 -21.88 -0.95 -17.71
C ALA B 64 -21.98 0.47 -17.13
N ALA B 65 -20.88 1.20 -17.15
CA ALA B 65 -20.92 2.60 -16.71
C ALA B 65 -21.81 3.46 -17.61
N ALA B 66 -21.70 3.31 -18.94
CA ALA B 66 -22.51 4.11 -19.84
C ALA B 66 -24.00 3.87 -19.62
N ILE B 67 -24.39 2.60 -19.50
CA ILE B 67 -25.77 2.24 -19.26
C ILE B 67 -26.26 2.86 -17.96
N ALA B 68 -25.49 2.69 -16.88
CA ALA B 68 -25.92 3.22 -15.60
C ALA B 68 -25.99 4.73 -15.62
N TYR B 69 -25.02 5.37 -16.27
CA TYR B 69 -25.03 6.83 -16.33
C TYR B 69 -26.32 7.33 -17.02
N ALA B 70 -26.70 6.70 -18.12
CA ALA B 70 -27.94 7.08 -18.79
C ALA B 70 -29.13 6.79 -17.87
N ARG B 71 -29.11 5.65 -17.18
CA ARG B 71 -30.23 5.28 -16.29
C ARG B 71 -30.35 6.28 -15.14
N GLU B 72 -29.23 6.90 -14.75
CA GLU B 72 -29.21 7.91 -13.68
C GLU B 72 -29.50 9.34 -14.16
N GLY B 73 -29.75 9.50 -15.46
CA GLY B 73 -30.19 10.78 -16.02
C GLY B 73 -29.16 11.53 -16.87
N ALA B 74 -28.02 10.92 -17.19
CA ALA B 74 -26.99 11.63 -17.95
C ALA B 74 -27.12 11.33 -19.44
N ASP B 75 -26.80 12.34 -20.25
CA ASP B 75 -26.52 12.08 -21.66
C ASP B 75 -25.11 11.52 -21.80
N VAL B 76 -24.90 10.64 -22.77
CA VAL B 76 -23.65 9.88 -22.83
C VAL B 76 -23.06 9.77 -24.23
N ALA B 77 -21.80 10.20 -24.36
CA ALA B 77 -20.99 9.96 -25.56
C ALA B 77 -20.10 8.78 -25.27
N ILE B 78 -19.99 7.84 -26.21
CA ILE B 78 -19.05 6.73 -26.08
C ILE B 78 -18.03 6.74 -27.21
N ASN B 79 -16.80 6.40 -26.83
CA ASN B 79 -15.74 6.10 -27.78
C ASN B 79 -15.42 4.60 -27.68
N TYR B 80 -14.88 4.06 -28.77
CA TYR B 80 -14.68 2.64 -29.00
C TYR B 80 -13.98 2.56 -30.36
N LEU B 81 -13.52 1.36 -30.75
CA LEU B 81 -12.89 1.13 -32.06
C LEU B 81 -13.95 0.74 -33.10
N PRO B 82 -13.76 1.15 -34.36
CA PRO B 82 -14.72 0.80 -35.41
C PRO B 82 -15.09 -0.69 -35.47
N ALA B 83 -14.16 -1.60 -35.19
CA ALA B 83 -14.49 -3.01 -35.23
C ALA B 83 -15.61 -3.40 -34.23
N GLU B 84 -15.89 -2.53 -33.27
CA GLU B 84 -16.83 -2.82 -32.19
C GLU B 84 -18.19 -2.13 -32.44
N GLU B 85 -18.41 -1.66 -33.68
CA GLU B 85 -19.62 -0.93 -34.01
C GLU B 85 -20.89 -1.68 -33.60
N GLU B 86 -20.92 -3.01 -33.74
CA GLU B 86 -22.16 -3.74 -33.38
C GLU B 86 -22.46 -3.62 -31.89
N ASP B 87 -21.42 -3.68 -31.05
CA ASP B 87 -21.62 -3.52 -29.60
C ASP B 87 -22.04 -2.07 -29.31
N ALA B 88 -21.36 -1.12 -29.95
CA ALA B 88 -21.69 0.29 -29.71
C ALA B 88 -23.15 0.61 -30.07
N GLN B 89 -23.65 0.01 -31.15
CA GLN B 89 -25.04 0.25 -31.53
C GLN B 89 -26.02 -0.27 -30.48
N GLN B 90 -25.66 -1.36 -29.79
CA GLN B 90 -26.52 -1.83 -28.70
C GLN B 90 -26.55 -0.79 -27.57
N VAL B 91 -25.39 -0.21 -27.26
CA VAL B 91 -25.33 0.79 -26.20
C VAL B 91 -26.10 2.04 -26.59
N LYS B 92 -26.00 2.46 -27.86
CA LYS B 92 -26.81 3.58 -28.34
C LYS B 92 -28.28 3.37 -28.01
N ALA B 93 -28.76 2.18 -28.34
CA ALA B 93 -30.17 1.86 -28.12
C ALA B 93 -30.50 1.89 -26.63
N LEU B 94 -29.61 1.34 -25.79
CA LEU B 94 -29.84 1.33 -24.34
C LEU B 94 -29.90 2.75 -23.75
N ILE B 95 -28.99 3.61 -24.21
CA ILE B 95 -28.99 5.01 -23.74
C ILE B 95 -30.29 5.71 -24.17
N GLU B 96 -30.68 5.54 -25.44
CA GLU B 96 -31.86 6.22 -25.97
C GLU B 96 -33.15 5.72 -25.31
N GLU B 97 -33.17 4.45 -24.91
CA GLU B 97 -34.33 3.86 -24.26
C GLU B 97 -34.57 4.48 -22.88
N CYS B 98 -33.50 5.03 -22.27
CA CYS B 98 -33.56 5.79 -21.01
C CYS B 98 -34.12 7.19 -21.22
N GLY B 99 -34.38 7.58 -22.46
CA GLY B 99 -34.82 8.92 -22.79
C GLY B 99 -33.67 9.91 -22.87
N ARG B 100 -32.44 9.40 -22.97
CA ARG B 100 -31.26 10.27 -23.00
C ARG B 100 -30.64 10.34 -24.39
N LYS B 101 -29.71 11.28 -24.57
CA LYS B 101 -29.02 11.42 -25.85
C LYS B 101 -27.78 10.54 -25.85
N ALA B 102 -27.57 9.83 -26.96
CA ALA B 102 -26.38 9.00 -27.17
C ALA B 102 -25.55 9.58 -28.30
N VAL B 103 -24.24 9.68 -28.11
CA VAL B 103 -23.34 10.15 -29.16
C VAL B 103 -22.24 9.10 -29.33
N LEU B 104 -22.07 8.63 -30.55
CA LEU B 104 -21.10 7.58 -30.83
C LEU B 104 -19.93 8.17 -31.58
N LEU B 105 -18.75 8.09 -30.97
CA LEU B 105 -17.55 8.71 -31.53
C LEU B 105 -16.42 7.69 -31.66
N PRO B 106 -16.50 6.80 -32.66
CA PRO B 106 -15.47 5.77 -32.80
C PRO B 106 -14.14 6.38 -33.20
N GLY B 107 -13.06 5.76 -32.74
CA GLY B 107 -11.72 6.12 -33.19
C GLY B 107 -10.67 5.57 -32.25
N ASP B 108 -9.44 5.58 -32.76
CA ASP B 108 -8.31 4.90 -32.12
C ASP B 108 -7.59 5.90 -31.21
N LEU B 109 -7.65 5.64 -29.91
CA LEU B 109 -7.04 6.50 -28.90
C LEU B 109 -5.52 6.53 -28.93
N SER B 110 -4.89 5.56 -29.61
CA SER B 110 -3.43 5.64 -29.78
C SER B 110 -2.99 6.67 -30.78
N ASP B 111 -3.94 7.24 -31.53
CA ASP B 111 -3.73 8.38 -32.43
CA ASP B 111 -3.67 8.38 -32.38
C ASP B 111 -3.91 9.61 -31.57
N GLU B 112 -2.82 10.28 -31.22
CA GLU B 112 -2.87 11.41 -30.31
C GLU B 112 -3.85 12.48 -30.76
N SER B 113 -3.84 12.82 -32.05
CA SER B 113 -4.74 13.86 -32.53
CA SER B 113 -4.73 13.88 -32.51
C SER B 113 -6.21 13.47 -32.38
N PHE B 114 -6.49 12.18 -32.59
CA PHE B 114 -7.85 11.72 -32.38
C PHE B 114 -8.20 11.83 -30.89
N ALA B 115 -7.32 11.31 -30.04
CA ALA B 115 -7.58 11.33 -28.60
C ALA B 115 -7.84 12.76 -28.11
N ARG B 116 -7.06 13.71 -28.62
CA ARG B 116 -7.21 15.10 -28.21
C ARG B 116 -8.50 15.71 -28.73
N SER B 117 -8.85 15.40 -29.98
CA SER B 117 -10.06 15.95 -30.58
C SER B 117 -11.32 15.45 -29.88
N LEU B 118 -11.23 14.27 -29.27
CA LEU B 118 -12.42 13.55 -28.80
C LEU B 118 -13.20 14.34 -27.78
N VAL B 119 -12.52 14.91 -26.81
CA VAL B 119 -13.19 15.65 -25.77
C VAL B 119 -14.02 16.80 -26.33
N HIS B 120 -13.47 17.49 -27.31
CA HIS B 120 -14.12 18.63 -27.94
C HIS B 120 -15.31 18.19 -28.80
N LYS B 121 -15.14 17.10 -29.55
CA LYS B 121 -16.26 16.57 -30.30
C LYS B 121 -17.42 16.17 -29.37
N ALA B 122 -17.09 15.50 -28.26
CA ALA B 122 -18.10 15.02 -27.36
C ALA B 122 -18.82 16.21 -26.70
N ARG B 123 -18.06 17.21 -26.24
CA ARG B 123 -18.68 18.35 -25.57
C ARG B 123 -19.61 19.09 -26.53
N GLU B 124 -19.18 19.28 -27.78
CA GLU B 124 -20.04 19.96 -28.77
C GLU B 124 -21.31 19.16 -29.01
N ALA B 125 -21.21 17.84 -29.17
CA ALA B 125 -22.37 17.02 -29.49
C ALA B 125 -23.35 16.97 -28.30
N LEU B 126 -22.80 16.94 -27.09
CA LEU B 126 -23.63 16.79 -25.89
C LEU B 126 -24.12 18.13 -25.36
N GLY B 127 -23.52 19.22 -25.79
CA GLY B 127 -23.89 20.51 -25.22
C GLY B 127 -23.29 20.73 -23.84
N GLY B 128 -22.15 20.10 -23.58
CA GLY B 128 -21.50 20.21 -22.29
C GLY B 128 -20.75 18.93 -21.99
N LEU B 129 -20.06 18.92 -20.85
CA LEU B 129 -19.26 17.76 -20.44
C LEU B 129 -18.90 17.93 -18.97
N ASP B 130 -19.30 16.97 -18.13
CA ASP B 130 -18.96 17.06 -16.71
C ASP B 130 -18.73 15.70 -16.02
N ILE B 131 -18.70 14.61 -16.80
CA ILE B 131 -18.25 13.30 -16.31
C ILE B 131 -17.33 12.73 -17.39
N LEU B 132 -16.13 12.28 -17.00
CA LEU B 132 -15.31 11.50 -17.91
C LEU B 132 -15.06 10.16 -17.26
N ALA B 133 -15.42 9.07 -17.92
CA ALA B 133 -15.11 7.73 -17.40
C ALA B 133 -14.18 7.12 -18.43
N LEU B 134 -12.91 6.98 -18.06
CA LEU B 134 -11.88 6.58 -19.02
C LEU B 134 -11.59 5.11 -18.78
N VAL B 135 -12.19 4.26 -19.61
CA VAL B 135 -12.24 2.83 -19.34
C VAL B 135 -11.52 2.03 -20.43
N ALA B 136 -11.30 2.64 -21.60
CA ALA B 136 -10.61 1.89 -22.67
C ALA B 136 -9.27 1.35 -22.20
N GLY B 137 -8.93 0.16 -22.68
CA GLY B 137 -7.62 -0.39 -22.38
C GLY B 137 -7.25 -1.51 -23.31
N LYS B 138 -5.95 -1.67 -23.49
CA LYS B 138 -5.33 -2.78 -24.21
C LYS B 138 -4.67 -3.73 -23.19
N GLN B 139 -4.80 -5.05 -23.39
CA GLN B 139 -4.23 -6.06 -22.50
C GLN B 139 -3.87 -7.27 -23.31
N THR B 140 -2.58 -7.61 -23.36
CA THR B 140 -2.12 -8.77 -24.11
C THR B 140 -1.20 -9.63 -23.25
N ALA B 141 -1.63 -10.85 -22.94
CA ALA B 141 -0.81 -11.77 -22.16
C ALA B 141 0.37 -12.29 -22.98
N ILE B 142 1.56 -12.22 -22.39
CA ILE B 142 2.80 -12.72 -23.01
C ILE B 142 3.60 -13.38 -21.88
N PRO B 143 3.61 -14.73 -21.82
CA PRO B 143 4.21 -15.37 -20.64
C PRO B 143 5.73 -15.18 -20.50
N GLU B 144 6.48 -15.01 -21.59
CA GLU B 144 7.93 -14.92 -21.53
C GLU B 144 8.41 -13.61 -22.16
N ILE B 145 9.27 -12.88 -21.46
CA ILE B 145 9.67 -11.56 -21.89
C ILE B 145 10.35 -11.60 -23.25
N LYS B 146 10.98 -12.71 -23.63
CA LYS B 146 11.62 -12.73 -24.95
C LYS B 146 10.61 -12.49 -26.08
N ASP B 147 9.33 -12.80 -25.82
CA ASP B 147 8.26 -12.67 -26.80
C ASP B 147 7.47 -11.36 -26.72
N LEU B 148 7.89 -10.46 -25.84
CA LEU B 148 7.19 -9.19 -25.65
C LEU B 148 7.86 -8.15 -26.54
N THR B 149 7.19 -7.74 -27.62
CA THR B 149 7.84 -6.83 -28.56
C THR B 149 7.84 -5.38 -28.05
N SER B 150 8.79 -4.59 -28.52
CA SER B 150 8.78 -3.14 -28.28
CA SER B 150 8.80 -3.17 -28.24
C SER B 150 7.51 -2.51 -28.78
N GLU B 151 7.02 -2.96 -29.93
CA GLU B 151 5.81 -2.40 -30.52
C GLU B 151 4.63 -2.63 -29.57
N GLN B 152 4.48 -3.85 -29.04
CA GLN B 152 3.37 -4.11 -28.13
C GLN B 152 3.52 -3.29 -26.84
N PHE B 153 4.72 -3.25 -26.29
CA PHE B 153 4.95 -2.56 -25.03
C PHE B 153 4.56 -1.08 -25.16
N GLN B 154 5.02 -0.46 -26.23
CA GLN B 154 4.73 0.95 -26.44
C GLN B 154 3.24 1.18 -26.74
N GLN B 155 2.62 0.29 -27.51
CA GLN B 155 1.20 0.44 -27.81
C GLN B 155 0.33 0.33 -26.56
N THR B 156 0.69 -0.60 -25.66
CA THR B 156 -0.05 -0.73 -24.41
C THR B 156 0.04 0.57 -23.61
N PHE B 157 1.24 1.17 -23.56
CA PHE B 157 1.37 2.46 -22.91
C PHE B 157 0.64 3.57 -23.65
N ALA B 158 0.59 3.52 -24.99
CA ALA B 158 -0.12 4.57 -25.72
C ALA B 158 -1.61 4.57 -25.41
N VAL B 159 -2.25 3.39 -25.44
CA VAL B 159 -3.68 3.34 -25.23
C VAL B 159 -4.03 3.59 -23.76
N ASN B 160 -3.22 3.04 -22.84
CA ASN B 160 -3.59 3.00 -21.44
C ASN B 160 -3.10 4.20 -20.66
N VAL B 161 -1.95 4.77 -21.04
CA VAL B 161 -1.37 5.88 -20.27
C VAL B 161 -1.35 7.17 -21.10
N PHE B 162 -0.74 7.14 -22.29
CA PHE B 162 -0.63 8.38 -23.04
C PHE B 162 -1.99 8.95 -23.39
N ALA B 163 -2.95 8.12 -23.81
CA ALA B 163 -4.28 8.61 -24.16
C ALA B 163 -4.98 9.17 -22.92
N LEU B 164 -4.68 8.62 -21.73
CA LEU B 164 -5.27 9.18 -20.51
C LEU B 164 -4.75 10.62 -20.31
N PHE B 165 -3.43 10.84 -20.50
CA PHE B 165 -2.90 12.19 -20.46
C PHE B 165 -3.48 13.10 -21.56
N TRP B 166 -3.53 12.60 -22.79
CA TRP B 166 -4.03 13.44 -23.90
C TRP B 166 -5.46 13.91 -23.62
N ILE B 167 -6.33 12.97 -23.20
CA ILE B 167 -7.72 13.31 -22.96
C ILE B 167 -7.85 14.27 -21.76
N THR B 168 -7.19 13.94 -20.64
CA THR B 168 -7.35 14.81 -19.47
C THR B 168 -6.75 16.20 -19.68
N GLN B 169 -5.65 16.29 -20.40
CA GLN B 169 -5.09 17.60 -20.68
C GLN B 169 -6.10 18.47 -21.44
N GLU B 170 -6.77 17.88 -22.43
CA GLU B 170 -7.77 18.63 -23.20
C GLU B 170 -8.97 18.96 -22.33
N ALA B 171 -9.32 18.08 -21.40
CA ALA B 171 -10.53 18.28 -20.62
C ALA B 171 -10.42 19.32 -19.51
N ILE B 172 -9.30 19.38 -18.80
CA ILE B 172 -9.24 20.21 -17.60
C ILE B 172 -9.73 21.65 -17.85
N PRO B 173 -9.24 22.34 -18.90
CA PRO B 173 -9.67 23.74 -19.08
C PRO B 173 -11.17 23.91 -19.28
N LEU B 174 -11.85 22.88 -19.76
CA LEU B 174 -13.26 23.03 -20.07
C LEU B 174 -14.23 22.40 -19.06
N LEU B 175 -13.71 21.65 -18.09
CA LEU B 175 -14.62 21.00 -17.12
C LEU B 175 -15.06 21.99 -16.06
N PRO B 176 -16.36 22.00 -15.76
CA PRO B 176 -16.87 22.92 -14.74
C PRO B 176 -16.55 22.44 -13.33
N LYS B 177 -16.62 23.38 -12.39
CA LYS B 177 -16.59 22.98 -10.99
C LYS B 177 -17.67 21.94 -10.76
N GLY B 178 -17.32 20.90 -10.01
CA GLY B 178 -18.22 19.78 -9.79
C GLY B 178 -18.01 18.61 -10.75
N ALA B 179 -17.20 18.78 -11.78
CA ALA B 179 -16.97 17.69 -12.72
C ALA B 179 -16.20 16.55 -12.05
N SER B 180 -16.38 15.35 -12.60
CA SER B 180 -15.80 14.17 -12.01
C SER B 180 -15.15 13.31 -13.09
N ILE B 181 -13.90 12.93 -12.86
CA ILE B 181 -13.16 12.07 -13.78
C ILE B 181 -12.89 10.74 -13.07
N ILE B 182 -13.19 9.63 -13.76
CA ILE B 182 -12.99 8.30 -13.18
C ILE B 182 -12.11 7.54 -14.15
N THR B 183 -10.98 7.08 -13.66
CA THR B 183 -10.03 6.31 -14.46
C THR B 183 -10.05 4.84 -14.01
N THR B 184 -9.38 3.98 -14.77
CA THR B 184 -9.56 2.53 -14.57
C THR B 184 -8.20 1.85 -14.50
N SER B 185 -7.89 1.42 -13.29
CA SER B 185 -6.71 0.63 -13.01
C SER B 185 -7.08 -0.84 -12.89
N SER B 186 -6.43 -1.58 -11.99
CA SER B 186 -6.65 -3.03 -11.85
C SER B 186 -5.99 -3.51 -10.59
N ILE B 187 -6.47 -4.64 -10.06
CA ILE B 187 -5.69 -5.40 -9.10
C ILE B 187 -4.23 -5.57 -9.56
N GLN B 188 -4.02 -5.66 -10.88
CA GLN B 188 -2.68 -5.84 -11.42
C GLN B 188 -1.74 -4.69 -11.02
N ALA B 189 -2.26 -3.50 -10.69
CA ALA B 189 -1.41 -2.40 -10.23
C ALA B 189 -0.73 -2.74 -8.94
N TYR B 190 -1.36 -3.60 -8.13
CA TYR B 190 -0.79 -4.04 -6.84
C TYR B 190 -0.13 -5.41 -6.89
N GLN B 191 -0.68 -6.29 -7.72
CA GLN B 191 -0.24 -7.69 -7.77
C GLN B 191 0.02 -8.04 -9.23
N PRO B 192 1.11 -7.50 -9.80
CA PRO B 192 1.32 -7.69 -11.24
C PRO B 192 1.66 -9.14 -11.55
N SER B 193 1.01 -9.68 -12.58
CA SER B 193 1.29 -11.04 -13.02
C SER B 193 2.42 -11.08 -14.03
N PRO B 194 3.23 -12.17 -14.02
CA PRO B 194 4.41 -12.21 -14.87
C PRO B 194 4.07 -12.29 -16.36
N HIS B 195 2.84 -12.59 -16.72
CA HIS B 195 2.47 -12.60 -18.12
C HIS B 195 1.86 -11.27 -18.61
N LEU B 196 1.89 -10.24 -17.76
CA LEU B 196 1.29 -8.94 -18.10
C LEU B 196 2.27 -7.82 -17.76
N LEU B 197 3.53 -7.95 -18.17
CA LEU B 197 4.54 -6.99 -17.71
C LEU B 197 4.23 -5.56 -18.13
N ASP B 198 3.87 -5.36 -19.40
CA ASP B 198 3.55 -4.01 -19.89
C ASP B 198 2.20 -3.54 -19.31
N TYR B 199 1.18 -4.38 -19.44
CA TYR B 199 -0.16 -4.03 -19.01
C TYR B 199 -0.20 -3.66 -17.53
N ALA B 200 0.38 -4.49 -16.66
CA ALA B 200 0.25 -4.22 -15.24
C ALA B 200 0.97 -2.92 -14.90
N ALA B 201 2.10 -2.67 -15.55
CA ALA B 201 2.82 -1.41 -15.34
C ALA B 201 1.97 -0.19 -15.78
N THR B 202 1.20 -0.33 -16.86
CA THR B 202 0.31 0.77 -17.23
C THR B 202 -0.78 0.99 -16.19
N LYS B 203 -1.26 -0.11 -15.57
CA LYS B 203 -2.31 0.03 -14.56
C LYS B 203 -1.81 0.76 -13.32
N ALA B 204 -0.56 0.49 -12.96
CA ALA B 204 0.09 1.24 -11.89
C ALA B 204 0.27 2.71 -12.28
N ALA B 205 0.72 2.98 -13.51
CA ALA B 205 0.88 4.35 -13.98
C ALA B 205 -0.45 5.12 -13.96
N ILE B 206 -1.55 4.47 -14.36
CA ILE B 206 -2.83 5.12 -14.35
C ILE B 206 -3.22 5.53 -12.94
N LEU B 207 -3.07 4.59 -12.00
CA LEU B 207 -3.41 4.89 -10.63
C LEU B 207 -2.64 6.10 -10.13
N ASN B 208 -1.33 6.13 -10.38
CA ASN B 208 -0.49 7.20 -9.87
C ASN B 208 -0.81 8.54 -10.55
N TYR B 209 -0.92 8.54 -11.87
CA TYR B 209 -1.20 9.77 -12.63
C TYR B 209 -2.53 10.36 -12.14
N SER B 210 -3.50 9.49 -11.89
CA SER B 210 -4.83 9.96 -11.45
C SER B 210 -4.75 10.67 -10.11
N ARG B 211 -3.97 10.12 -9.19
CA ARG B 211 -3.78 10.76 -7.88
C ARG B 211 -3.07 12.12 -8.01
N GLY B 212 -2.03 12.18 -8.82
CA GLY B 212 -1.30 13.44 -9.03
C GLY B 212 -2.21 14.47 -9.68
N LEU B 213 -2.99 14.03 -10.67
CA LEU B 213 -3.90 14.95 -11.36
C LEU B 213 -4.94 15.47 -10.38
N ALA B 214 -5.48 14.57 -9.54
CA ALA B 214 -6.46 14.96 -8.53
C ALA B 214 -5.91 16.09 -7.67
N LYS B 215 -4.67 15.95 -7.25
CA LYS B 215 -4.08 16.97 -6.38
C LYS B 215 -3.94 18.29 -7.12
N GLN B 216 -3.60 18.22 -8.41
CA GLN B 216 -3.39 19.42 -9.19
C GLN B 216 -4.70 20.17 -9.50
N VAL B 217 -5.81 19.44 -9.65
CA VAL B 217 -7.04 20.08 -10.13
C VAL B 217 -8.10 20.25 -9.04
N ALA B 218 -7.80 19.84 -7.81
CA ALA B 218 -8.74 20.02 -6.71
C ALA B 218 -9.17 21.48 -6.62
N GLU B 219 -8.23 22.42 -6.80
CA GLU B 219 -8.58 23.83 -6.65
CA GLU B 219 -8.54 23.85 -6.69
C GLU B 219 -9.56 24.30 -7.73
N LYS B 220 -9.64 23.59 -8.84
CA LYS B 220 -10.59 23.93 -9.92
C LYS B 220 -11.95 23.27 -9.69
N GLY B 221 -12.12 22.59 -8.55
CA GLY B 221 -13.38 21.96 -8.24
C GLY B 221 -13.64 20.67 -9.00
N ILE B 222 -12.60 20.08 -9.55
CA ILE B 222 -12.68 18.83 -10.33
C ILE B 222 -12.15 17.69 -9.46
N ARG B 223 -12.84 16.54 -9.42
CA ARG B 223 -12.39 15.36 -8.68
C ARG B 223 -11.91 14.30 -9.67
N VAL B 224 -10.90 13.53 -9.28
CA VAL B 224 -10.36 12.48 -10.13
C VAL B 224 -10.17 11.27 -9.23
N ASN B 225 -10.83 10.17 -9.59
CA ASN B 225 -10.77 8.94 -8.79
C ASN B 225 -10.57 7.76 -9.70
N ILE B 226 -10.25 6.61 -9.09
CA ILE B 226 -9.81 5.44 -9.85
C ILE B 226 -10.66 4.22 -9.41
N VAL B 227 -11.03 3.39 -10.39
CA VAL B 227 -11.67 2.10 -10.10
C VAL B 227 -10.66 1.03 -10.52
N ALA B 228 -10.42 0.06 -9.62
CA ALA B 228 -9.46 -1.04 -9.90
C ALA B 228 -10.21 -2.36 -9.76
N PRO B 229 -10.73 -2.89 -10.89
CA PRO B 229 -11.44 -4.18 -10.84
C PRO B 229 -10.47 -5.34 -10.67
N GLY B 230 -11.03 -6.45 -10.21
CA GLY B 230 -10.39 -7.76 -10.23
C GLY B 230 -10.85 -8.50 -11.47
N PRO B 231 -11.01 -9.83 -11.39
CA PRO B 231 -11.31 -10.60 -12.62
C PRO B 231 -12.77 -10.45 -13.05
N ILE B 232 -12.98 -9.72 -14.16
CA ILE B 232 -14.32 -9.43 -14.68
C ILE B 232 -14.43 -10.08 -16.06
N TRP B 233 -15.53 -10.79 -16.30
CA TRP B 233 -15.75 -11.47 -17.57
C TRP B 233 -16.05 -10.44 -18.68
N THR B 234 -15.09 -10.28 -19.61
CA THR B 234 -15.19 -9.26 -20.67
C THR B 234 -14.44 -9.69 -21.91
N ALA B 235 -14.71 -9.00 -23.01
CA ALA B 235 -14.02 -9.29 -24.27
C ALA B 235 -12.50 -9.10 -24.18
N LEU B 236 -12.04 -8.23 -23.28
CA LEU B 236 -10.61 -8.01 -23.16
C LEU B 236 -9.93 -9.33 -22.80
N GLN B 237 -10.63 -10.17 -22.00
CA GLN B 237 -10.01 -11.36 -21.47
C GLN B 237 -9.99 -12.49 -22.51
N ILE B 238 -10.95 -12.53 -23.45
CA ILE B 238 -11.01 -13.60 -24.45
C ILE B 238 -10.39 -13.19 -25.79
N SER B 239 -9.84 -11.97 -25.88
CA SER B 239 -9.24 -11.51 -27.13
C SER B 239 -7.73 -11.33 -26.98
N GLY B 240 -7.14 -12.02 -25.99
CA GLY B 240 -5.71 -12.03 -25.83
C GLY B 240 -5.26 -11.59 -24.45
N GLY B 241 -6.16 -11.06 -23.62
CA GLY B 241 -5.78 -10.59 -22.29
C GLY B 241 -5.35 -11.72 -21.36
N GLN B 242 -5.91 -12.92 -21.57
CA GLN B 242 -5.49 -14.12 -20.85
C GLN B 242 -4.98 -15.16 -21.82
N THR B 243 -4.12 -16.04 -21.35
CA THR B 243 -3.80 -17.21 -22.14
C THR B 243 -5.05 -18.11 -22.17
N GLN B 244 -5.21 -18.86 -23.25
CA GLN B 244 -6.46 -19.57 -23.46
CA GLN B 244 -6.43 -19.64 -23.49
C GLN B 244 -6.75 -20.60 -22.35
N ASP B 245 -5.69 -21.21 -21.80
CA ASP B 245 -5.83 -22.21 -20.74
C ASP B 245 -6.38 -21.63 -19.43
N LYS B 246 -6.29 -20.32 -19.25
CA LYS B 246 -6.76 -19.68 -18.03
C LYS B 246 -8.24 -19.29 -18.10
N ILE B 247 -8.85 -19.40 -19.28
CA ILE B 247 -10.24 -19.00 -19.43
C ILE B 247 -11.28 -19.85 -18.65
N PRO B 248 -11.20 -21.18 -18.71
CA PRO B 248 -12.27 -21.96 -18.04
C PRO B 248 -12.47 -21.60 -16.57
N GLN B 249 -11.40 -21.46 -15.81
CA GLN B 249 -11.52 -21.22 -14.37
C GLN B 249 -11.28 -19.76 -13.99
N PHE B 250 -11.38 -18.88 -14.98
CA PHE B 250 -11.21 -17.45 -14.76
C PHE B 250 -12.11 -16.96 -13.62
N GLY B 251 -11.52 -16.27 -12.64
CA GLY B 251 -12.26 -15.75 -11.50
C GLY B 251 -12.44 -16.71 -10.34
N GLN B 252 -12.23 -18.00 -10.54
CA GLN B 252 -12.57 -18.97 -9.48
C GLN B 252 -11.61 -18.96 -8.30
N GLN B 253 -10.46 -18.30 -8.46
CA GLN B 253 -9.49 -18.21 -7.38
C GLN B 253 -9.79 -17.11 -6.38
N THR B 254 -10.77 -16.25 -6.68
CA THR B 254 -11.11 -15.19 -5.75
C THR B 254 -11.81 -15.80 -4.54
N PRO B 255 -11.83 -15.08 -3.40
CA PRO B 255 -12.63 -15.57 -2.26
C PRO B 255 -14.10 -15.85 -2.64
N MET B 256 -14.67 -15.08 -3.57
CA MET B 256 -16.06 -15.33 -3.93
CA MET B 256 -16.06 -15.26 -4.01
C MET B 256 -16.24 -16.47 -4.90
N LYS B 257 -15.13 -16.97 -5.45
CA LYS B 257 -15.09 -18.19 -6.28
C LYS B 257 -15.80 -18.08 -7.61
N ARG B 258 -15.96 -16.85 -8.09
CA ARG B 258 -16.46 -16.61 -9.43
C ARG B 258 -15.83 -15.32 -9.93
N ALA B 259 -15.88 -15.12 -11.24
CA ALA B 259 -15.53 -13.85 -11.85
C ALA B 259 -16.68 -12.87 -11.60
N GLY B 260 -16.35 -11.57 -11.63
CA GLY B 260 -17.36 -10.53 -11.63
C GLY B 260 -17.98 -10.37 -13.02
N GLN B 261 -19.18 -9.80 -13.06
CA GLN B 261 -19.74 -9.34 -14.34
C GLN B 261 -19.62 -7.83 -14.39
N PRO B 262 -19.54 -7.23 -15.61
CA PRO B 262 -19.38 -5.77 -15.69
C PRO B 262 -20.50 -5.02 -14.95
N ALA B 263 -21.71 -5.57 -14.89
CA ALA B 263 -22.80 -4.94 -14.14
C ALA B 263 -22.35 -4.50 -12.76
N GLU B 264 -21.51 -5.31 -12.13
CA GLU B 264 -21.12 -5.12 -10.74
C GLU B 264 -20.17 -3.97 -10.54
N LEU B 265 -19.69 -3.38 -11.64
CA LEU B 265 -18.83 -2.20 -11.58
C LEU B 265 -19.63 -0.91 -11.67
N ALA B 266 -20.85 -0.96 -12.20
CA ALA B 266 -21.60 0.28 -12.41
C ALA B 266 -21.83 1.08 -11.13
N PRO B 267 -22.18 0.43 -10.01
CA PRO B 267 -22.48 1.25 -8.84
C PRO B 267 -21.32 2.16 -8.40
N VAL B 268 -20.08 1.67 -8.43
CA VAL B 268 -18.98 2.54 -8.02
C VAL B 268 -18.68 3.65 -9.05
N TYR B 269 -18.85 3.35 -10.34
CA TYR B 269 -18.74 4.42 -11.33
C TYR B 269 -19.80 5.52 -11.13
N VAL B 270 -20.99 5.14 -10.69
CA VAL B 270 -22.05 6.11 -10.40
C VAL B 270 -21.73 6.90 -9.13
N TYR B 271 -21.33 6.20 -8.06
CA TYR B 271 -20.95 6.86 -6.81
C TYR B 271 -19.90 7.94 -7.09
N LEU B 272 -18.87 7.60 -7.86
CA LEU B 272 -17.77 8.56 -8.09
C LEU B 272 -18.20 9.68 -9.02
N ALA B 273 -19.04 9.43 -10.03
CA ALA B 273 -19.50 10.51 -10.90
C ALA B 273 -20.42 11.48 -10.17
N SER B 274 -21.24 10.94 -9.28
CA SER B 274 -22.23 11.71 -8.54
C SER B 274 -21.59 12.74 -7.62
N GLN B 275 -22.30 13.84 -7.43
CA GLN B 275 -21.88 14.86 -6.46
C GLN B 275 -21.85 14.33 -5.01
N GLU B 276 -22.48 13.18 -4.78
CA GLU B 276 -22.49 12.57 -3.45
C GLU B 276 -21.09 12.28 -2.94
N SER B 277 -20.14 12.06 -3.83
CA SER B 277 -18.77 11.73 -3.45
C SER B 277 -17.89 12.99 -3.38
N SER B 278 -18.49 14.07 -2.87
CA SER B 278 -17.84 15.38 -2.78
C SER B 278 -16.52 15.42 -2.03
N TYR B 279 -16.31 14.55 -1.05
CA TYR B 279 -15.05 14.56 -0.30
C TYR B 279 -14.12 13.45 -0.78
N VAL B 280 -14.40 12.90 -1.94
CA VAL B 280 -13.60 11.79 -2.48
C VAL B 280 -12.83 12.24 -3.71
N THR B 281 -11.52 12.32 -3.60
CA THR B 281 -10.66 12.57 -4.76
C THR B 281 -9.34 11.89 -4.50
N ALA B 282 -8.69 11.47 -5.59
CA ALA B 282 -7.41 10.72 -5.53
C ALA B 282 -7.52 9.33 -4.93
N GLU B 283 -8.73 8.76 -4.87
CA GLU B 283 -8.90 7.47 -4.19
C GLU B 283 -9.16 6.34 -5.19
N VAL B 284 -8.63 5.15 -4.90
CA VAL B 284 -8.88 3.96 -5.72
C VAL B 284 -9.90 3.05 -5.03
N HIS B 285 -10.73 2.42 -5.85
CA HIS B 285 -11.87 1.62 -5.39
C HIS B 285 -11.80 0.25 -6.02
N GLY B 286 -11.64 -0.77 -5.17
CA GLY B 286 -11.53 -2.13 -5.70
C GLY B 286 -12.87 -2.82 -5.81
N VAL B 287 -13.01 -3.62 -6.85
CA VAL B 287 -14.20 -4.46 -7.06
C VAL B 287 -13.63 -5.79 -7.57
N CYS B 288 -13.25 -6.68 -6.65
CA CYS B 288 -12.34 -7.76 -6.98
C CYS B 288 -12.72 -9.13 -6.39
N GLY B 289 -13.94 -9.28 -5.88
CA GLY B 289 -14.39 -10.58 -5.40
C GLY B 289 -13.61 -11.04 -4.20
N GLY B 290 -12.95 -10.11 -3.51
CA GLY B 290 -12.12 -10.42 -2.37
C GLY B 290 -10.64 -10.52 -2.67
N GLU B 291 -10.23 -10.44 -3.93
CA GLU B 291 -8.80 -10.45 -4.30
C GLU B 291 -8.39 -8.98 -4.18
N HIS B 292 -8.25 -8.54 -2.94
CA HIS B 292 -8.23 -7.13 -2.61
C HIS B 292 -7.00 -6.34 -3.00
N LEU B 293 -7.21 -5.03 -3.16
CA LEU B 293 -6.12 -4.09 -3.43
C LEU B 293 -5.30 -3.93 -2.17
N GLY B 294 -4.11 -3.38 -2.41
N GLY B 294 -4.21 -3.19 -2.25
CA GLY B 294 -3.16 -3.04 -1.38
CA GLY B 294 -3.59 -2.76 -0.99
C GLY B 294 -1.76 -3.56 -1.65
C GLY B 294 -4.37 -1.67 -0.25
N HIS C 3 31.55 -17.51 -8.23
CA HIS C 3 31.10 -18.07 -6.96
C HIS C 3 29.67 -17.60 -6.70
N LEU C 4 28.89 -17.49 -7.77
CA LEU C 4 27.49 -17.10 -7.67
C LEU C 4 26.58 -18.29 -7.49
N TYR C 5 25.74 -18.24 -6.46
CA TYR C 5 24.78 -19.34 -6.25
CA TYR C 5 24.79 -19.33 -6.33
C TYR C 5 23.36 -18.99 -6.68
N ASP C 6 22.61 -19.99 -7.07
CA ASP C 6 21.21 -19.83 -7.44
C ASP C 6 20.41 -19.71 -6.16
N PRO C 7 19.77 -18.55 -5.94
CA PRO C 7 19.06 -18.41 -4.67
C PRO C 7 17.87 -19.38 -4.54
N THR C 8 17.33 -19.85 -5.66
CA THR C 8 16.19 -20.77 -5.55
C THR C 8 16.56 -22.10 -4.91
N THR C 9 17.81 -22.54 -5.10
CA THR C 9 18.24 -23.83 -4.58
C THR C 9 19.26 -23.75 -3.44
N GLN C 10 19.54 -22.54 -2.98
CA GLN C 10 20.56 -22.34 -1.98
C GLN C 10 20.20 -22.96 -0.65
N TYR C 11 18.90 -23.01 -0.38
CA TYR C 11 18.36 -23.62 0.83
C TYR C 11 17.33 -24.66 0.45
N TYR C 12 16.94 -25.47 1.43
CA TYR C 12 16.11 -26.64 1.21
C TYR C 12 14.85 -26.29 0.42
N THR C 13 14.58 -27.07 -0.64
CA THR C 13 13.45 -26.81 -1.55
C THR C 13 12.37 -27.87 -1.45
N GLY C 14 12.59 -28.90 -0.64
CA GLY C 14 11.67 -30.02 -0.61
C GLY C 14 10.54 -29.84 0.38
N GLU C 15 9.69 -30.86 0.51
CA GLU C 15 8.57 -30.82 1.44
C GLU C 15 9.01 -31.11 2.86
N TYR C 16 8.22 -30.65 3.83
CA TYR C 16 8.51 -30.83 5.24
C TYR C 16 7.63 -31.90 5.86
N PRO C 17 8.15 -32.65 6.84
CA PRO C 17 7.27 -33.62 7.54
C PRO C 17 6.35 -32.87 8.51
N LYS C 18 5.15 -33.39 8.67
CA LYS C 18 4.25 -32.91 9.71
C LYS C 18 4.92 -33.14 11.06
N GLN C 19 4.77 -32.15 11.92
CA GLN C 19 5.35 -32.21 13.23
C GLN C 19 4.58 -31.16 14.02
N LYS C 20 4.40 -31.41 15.29
CA LYS C 20 3.71 -30.48 16.15
C LYS C 20 4.47 -30.50 17.47
N GLN C 21 4.68 -29.32 18.01
CA GLN C 21 5.18 -29.16 19.38
C GLN C 21 4.26 -28.20 20.10
N PRO C 22 4.16 -28.32 21.42
CA PRO C 22 3.46 -27.25 22.16
C PRO C 22 4.20 -25.92 21.99
N ALA C 23 3.47 -24.81 21.86
CA ALA C 23 4.10 -23.50 21.74
C ALA C 23 4.89 -23.20 23.01
N PRO C 24 6.00 -22.47 22.88
CA PRO C 24 6.54 -21.83 21.67
C PRO C 24 7.40 -22.77 20.80
N GLY C 25 7.62 -23.99 21.25
CA GLY C 25 8.39 -24.93 20.48
C GLY C 25 9.88 -24.85 20.79
N VAL C 26 10.55 -25.95 20.57
CA VAL C 26 12.01 -26.03 20.74
C VAL C 26 12.61 -26.27 19.38
N GLN C 27 13.36 -25.30 18.86
CA GLN C 27 13.79 -25.47 17.47
CA GLN C 27 13.91 -25.39 17.53
C GLN C 27 14.82 -26.61 17.38
N ALA C 28 15.55 -26.90 18.44
CA ALA C 28 16.50 -28.03 18.37
C ALA C 28 15.80 -29.36 18.15
N LYS C 29 14.49 -29.42 18.37
CA LYS C 29 13.72 -30.64 18.18
C LYS C 29 13.03 -30.69 16.82
N MET C 30 13.18 -29.67 15.99
CA MET C 30 12.52 -29.64 14.68
C MET C 30 13.22 -30.54 13.68
N THR C 31 12.47 -30.94 12.67
CA THR C 31 12.98 -31.79 11.58
C THR C 31 12.59 -31.16 10.23
N PRO C 32 13.53 -30.52 9.54
CA PRO C 32 14.92 -30.22 9.89
C PRO C 32 15.00 -29.01 10.84
N VAL C 33 16.14 -28.85 11.50
CA VAL C 33 16.39 -27.68 12.32
C VAL C 33 16.60 -26.46 11.40
N PRO C 34 15.90 -25.34 11.66
CA PRO C 34 16.08 -24.13 10.85
C PRO C 34 17.55 -23.72 10.81
N ASP C 35 18.00 -23.23 9.65
CA ASP C 35 19.35 -22.65 9.55
C ASP C 35 19.27 -21.17 9.89
N CYS C 36 19.94 -20.77 10.97
CA CYS C 36 19.95 -19.38 11.44
C CYS C 36 21.26 -18.66 11.14
N GLY C 37 22.08 -19.25 10.26
CA GLY C 37 23.31 -18.59 9.86
C GLY C 37 24.51 -18.95 10.72
N GLU C 38 24.35 -19.95 11.58
CA GLU C 38 25.40 -20.39 12.47
C GLU C 38 26.72 -20.65 11.79
N LYS C 39 26.68 -21.26 10.60
CA LYS C 39 27.91 -21.63 9.89
C LYS C 39 28.22 -20.75 8.70
N SER C 40 27.36 -19.78 8.40
CA SER C 40 27.50 -18.99 7.17
C SER C 40 27.70 -17.49 7.37
N TYR C 41 27.12 -16.89 8.40
CA TYR C 41 27.15 -15.44 8.48
C TYR C 41 28.54 -14.93 8.86
N VAL C 42 29.06 -14.02 8.04
CA VAL C 42 30.38 -13.42 8.28
C VAL C 42 30.25 -11.92 8.51
N GLY C 43 30.73 -11.41 9.64
CA GLY C 43 30.63 -9.99 9.94
C GLY C 43 31.82 -9.21 9.42
N SER C 44 31.69 -7.89 9.48
CA SER C 44 32.78 -7.00 9.05
C SER C 44 32.84 -5.76 9.93
N GLY C 45 32.39 -5.88 11.18
CA GLY C 45 32.51 -4.79 12.13
C GLY C 45 31.47 -3.69 11.95
N ARG C 46 30.35 -3.99 11.27
CA ARG C 46 29.34 -2.96 11.02
C ARG C 46 28.59 -2.56 12.27
N LEU C 47 28.71 -3.36 13.33
CA LEU C 47 28.03 -3.08 14.59
C LEU C 47 29.05 -3.12 15.74
N LYS C 48 30.28 -2.73 15.44
CA LYS C 48 31.35 -2.88 16.43
C LYS C 48 31.01 -2.13 17.73
N ASP C 49 31.08 -2.87 18.83
CA ASP C 49 30.80 -2.35 20.17
C ASP C 49 29.38 -1.81 20.39
N ARG C 50 28.46 -2.12 19.48
CA ARG C 50 27.05 -1.85 19.74
C ARG C 50 26.54 -2.79 20.83
N LYS C 51 25.35 -2.50 21.32
CA LYS C 51 24.77 -3.20 22.48
C LYS C 51 23.31 -3.46 22.15
N ALA C 52 22.97 -4.72 21.91
CA ALA C 52 21.66 -5.10 21.37
C ALA C 52 20.83 -5.90 22.37
N LEU C 53 19.52 -5.61 22.40
CA LEU C 53 18.55 -6.52 22.98
C LEU C 53 17.74 -7.10 21.87
N VAL C 54 17.62 -8.43 21.85
CA VAL C 54 16.83 -9.14 20.84
C VAL C 54 15.79 -9.99 21.56
N THR C 55 14.52 -9.67 21.38
CA THR C 55 13.47 -10.56 21.89
C THR C 55 13.24 -11.69 20.87
N GLY C 56 12.86 -12.88 21.35
CA GLY C 56 12.83 -14.05 20.51
C GLY C 56 14.24 -14.41 20.04
N GLY C 57 15.26 -14.11 20.83
CA GLY C 57 16.62 -14.33 20.35
C GLY C 57 17.12 -15.76 20.48
N ASP C 58 16.30 -16.64 21.08
CA ASP C 58 16.63 -18.06 21.27
C ASP C 58 16.56 -18.89 20.00
N SER C 59 15.69 -18.50 19.06
CA SER C 59 15.35 -19.36 17.93
C SER C 59 14.92 -18.52 16.74
N GLY C 60 14.88 -19.15 15.56
CA GLY C 60 14.23 -18.54 14.41
C GLY C 60 14.89 -17.25 13.97
N ILE C 61 14.04 -16.32 13.53
CA ILE C 61 14.51 -15.04 12.97
C ILE C 61 15.26 -14.21 14.02
N GLY C 62 14.77 -14.16 15.25
CA GLY C 62 15.44 -13.45 16.31
C GLY C 62 16.84 -14.01 16.56
N ARG C 63 16.96 -15.34 16.55
CA ARG C 63 18.27 -15.97 16.68
C ARG C 63 19.18 -15.59 15.52
N ALA C 64 18.69 -15.60 14.29
CA ALA C 64 19.53 -15.19 13.18
C ALA C 64 20.04 -13.76 13.35
N ALA C 65 19.17 -12.87 13.83
CA ALA C 65 19.58 -11.49 14.09
C ALA C 65 20.62 -11.42 15.22
N ALA C 66 20.40 -12.16 16.30
CA ALA C 66 21.32 -12.17 17.44
C ALA C 66 22.70 -12.68 17.04
N ILE C 67 22.72 -13.75 16.27
CA ILE C 67 23.99 -14.30 15.78
C ILE C 67 24.71 -13.26 14.92
N ALA C 68 23.99 -12.72 13.94
CA ALA C 68 24.63 -11.78 13.03
C ALA C 68 25.09 -10.51 13.76
N TYR C 69 24.32 -10.04 14.74
CA TYR C 69 24.72 -8.87 15.49
C TYR C 69 26.05 -9.13 16.20
N ALA C 70 26.18 -10.30 16.86
CA ALA C 70 27.47 -10.64 17.47
C ALA C 70 28.56 -10.77 16.42
N ARG C 71 28.25 -11.39 15.28
CA ARG C 71 29.26 -11.55 14.22
C ARG C 71 29.76 -10.19 13.75
N GLU C 72 28.89 -9.16 13.81
CA GLU C 72 29.21 -7.80 13.37
C GLU C 72 29.82 -6.95 14.48
N GLY C 73 30.05 -7.55 15.65
CA GLY C 73 30.77 -6.88 16.71
C GLY C 73 29.96 -6.36 17.87
N ALA C 74 28.67 -6.71 17.94
CA ALA C 74 27.82 -6.22 19.03
C ALA C 74 27.79 -7.21 20.19
N ASP C 75 27.67 -6.68 21.41
CA ASP C 75 27.26 -7.53 22.56
C ASP C 75 25.75 -7.67 22.53
N VAL C 76 25.25 -8.83 22.96
CA VAL C 76 23.83 -9.17 22.73
C VAL C 76 23.18 -9.79 23.94
N ALA C 77 22.07 -9.18 24.34
CA ALA C 77 21.15 -9.74 25.33
C ALA C 77 19.96 -10.33 24.59
N ILE C 78 19.58 -11.55 24.96
CA ILE C 78 18.39 -12.19 24.39
C ILE C 78 17.33 -12.42 25.44
N ASN C 79 16.09 -12.21 25.03
CA ASN C 79 14.92 -12.63 25.80
C ASN C 79 14.22 -13.74 25.03
N TYR C 80 13.48 -14.57 25.78
CA TYR C 80 12.86 -15.82 25.31
C TYR C 80 12.10 -16.37 26.51
N LEU C 81 11.28 -17.39 26.31
CA LEU C 81 10.56 -18.03 27.43
C LEU C 81 11.42 -19.10 28.08
N PRO C 82 11.33 -19.30 29.39
CA PRO C 82 12.22 -20.27 30.05
C PRO C 82 12.14 -21.69 29.50
N ALA C 83 10.99 -22.11 28.96
CA ALA C 83 10.88 -23.42 28.32
C ALA C 83 11.83 -23.57 27.12
N GLU C 84 12.32 -22.45 26.60
CA GLU C 84 13.23 -22.46 25.43
C GLU C 84 14.71 -22.40 25.78
N GLU C 85 15.04 -22.73 27.03
CA GLU C 85 16.41 -22.62 27.51
C GLU C 85 17.42 -23.39 26.66
N GLU C 86 17.03 -24.56 26.15
CA GLU C 86 17.99 -25.31 25.34
C GLU C 86 18.46 -24.48 24.13
N ASP C 87 17.49 -23.90 23.43
CA ASP C 87 17.78 -23.09 22.25
C ASP C 87 18.59 -21.86 22.67
N ALA C 88 18.19 -21.21 23.77
CA ALA C 88 18.91 -20.02 24.23
C ALA C 88 20.36 -20.33 24.56
N GLN C 89 20.63 -21.47 25.21
CA GLN C 89 22.01 -21.83 25.53
C GLN C 89 22.85 -22.00 24.28
N GLN C 90 22.26 -22.50 23.19
CA GLN C 90 22.99 -22.58 21.94
C GLN C 90 23.37 -21.19 21.45
N VAL C 91 22.45 -20.23 21.59
CA VAL C 91 22.74 -18.87 21.12
C VAL C 91 23.79 -18.20 22.01
N LYS C 92 23.74 -18.47 23.32
CA LYS C 92 24.79 -17.99 24.22
C LYS C 92 26.17 -18.41 23.70
N ALA C 93 26.33 -19.70 23.39
CA ALA C 93 27.61 -20.18 22.89
C ALA C 93 27.97 -19.50 21.58
N LEU C 94 27.02 -19.37 20.65
CA LEU C 94 27.29 -18.73 19.36
C LEU C 94 27.78 -17.29 19.53
N ILE C 95 27.11 -16.55 20.40
CA ILE C 95 27.51 -15.17 20.65
C ILE C 95 28.94 -15.13 21.22
N GLU C 96 29.21 -15.98 22.21
CA GLU C 96 30.55 -16.00 22.80
C GLU C 96 31.62 -16.42 21.79
N GLU C 97 31.24 -17.31 20.88
CA GLU C 97 32.14 -17.76 19.81
C GLU C 97 32.42 -16.69 18.76
N CYS C 98 31.69 -15.56 18.81
CA CYS C 98 32.01 -14.36 18.04
C CYS C 98 32.93 -13.44 18.82
N GLY C 99 33.30 -13.83 20.03
CA GLY C 99 34.15 -12.98 20.85
C GLY C 99 33.39 -11.95 21.66
N ARG C 100 32.06 -12.03 21.69
CA ARG C 100 31.25 -10.99 22.34
C ARG C 100 30.61 -11.49 23.62
N LYS C 101 29.98 -10.57 24.33
CA LYS C 101 29.26 -10.90 25.56
C LYS C 101 27.81 -11.25 25.25
N ALA C 102 27.37 -12.36 25.81
CA ALA C 102 25.98 -12.83 25.75
C ALA C 102 25.29 -12.64 27.10
N VAL C 103 24.07 -12.16 27.10
CA VAL C 103 23.26 -12.06 28.31
C VAL C 103 21.93 -12.71 28.04
N LEU C 104 21.55 -13.67 28.88
CA LEU C 104 20.28 -14.39 28.72
C LEU C 104 19.29 -13.90 29.77
N LEU C 105 18.18 -13.35 29.30
CA LEU C 105 17.16 -12.76 30.19
C LEU C 105 15.79 -13.38 29.89
N PRO C 106 15.56 -14.61 30.36
CA PRO C 106 14.28 -15.28 30.11
C PRO C 106 13.12 -14.61 30.85
N GLY C 107 11.94 -14.63 30.25
CA GLY C 107 10.72 -14.16 30.90
C GLY C 107 9.62 -13.89 29.92
N ASP C 108 8.39 -13.79 30.43
CA ASP C 108 7.18 -13.71 29.62
C ASP C 108 6.83 -12.24 29.38
N LEU C 109 6.93 -11.85 28.11
CA LEU C 109 6.65 -10.46 27.70
C LEU C 109 5.23 -10.04 27.85
N SER C 110 4.31 -10.99 28.04
CA SER C 110 2.92 -10.58 28.28
C SER C 110 2.70 -10.06 29.69
N ASP C 111 3.70 -10.25 30.55
CA ASP C 111 3.70 -9.65 31.89
C ASP C 111 4.34 -8.28 31.76
N GLU C 112 3.54 -7.23 31.93
CA GLU C 112 3.99 -5.86 31.68
C GLU C 112 5.17 -5.52 32.59
N SER C 113 5.12 -5.94 33.85
CA SER C 113 6.24 -5.64 34.74
C SER C 113 7.55 -6.25 34.21
N PHE C 114 7.48 -7.48 33.70
CA PHE C 114 8.68 -8.10 33.19
C PHE C 114 9.13 -7.39 31.92
N ALA C 115 8.19 -7.13 31.01
CA ALA C 115 8.54 -6.46 29.76
C ALA C 115 9.26 -5.14 29.99
N ARG C 116 8.78 -4.36 30.96
CA ARG C 116 9.41 -3.09 31.26
C ARG C 116 10.77 -3.27 31.92
N SER C 117 10.87 -4.22 32.85
CA SER C 117 12.14 -4.42 33.52
C SER C 117 13.24 -4.92 32.57
N LEU C 118 12.85 -5.65 31.53
CA LEU C 118 13.79 -6.26 30.58
C LEU C 118 14.77 -5.25 30.00
N VAL C 119 14.25 -4.11 29.59
CA VAL C 119 15.05 -3.06 29.01
CA VAL C 119 15.12 -3.12 28.98
C VAL C 119 16.18 -2.60 29.96
N HIS C 120 15.79 -2.39 31.21
CA HIS C 120 16.72 -1.96 32.23
C HIS C 120 17.74 -3.05 32.57
N LYS C 121 17.29 -4.30 32.69
CA LYS C 121 18.21 -5.39 32.96
C LYS C 121 19.23 -5.56 31.83
N ALA C 122 18.76 -5.44 30.59
CA ALA C 122 19.64 -5.60 29.43
C ALA C 122 20.67 -4.48 29.42
N ARG C 123 20.22 -3.25 29.63
CA ARG C 123 21.13 -2.10 29.59
C ARG C 123 22.19 -2.23 30.68
N GLU C 124 21.77 -2.62 31.88
CA GLU C 124 22.69 -2.77 32.99
C GLU C 124 23.72 -3.85 32.69
N ALA C 125 23.27 -4.98 32.16
CA ALA C 125 24.17 -6.12 31.93
C ALA C 125 25.16 -5.81 30.80
N LEU C 126 24.72 -5.07 29.78
CA LEU C 126 25.56 -4.76 28.63
C LEU C 126 26.40 -3.51 28.81
N GLY C 127 26.09 -2.70 29.83
CA GLY C 127 26.77 -1.42 29.98
C GLY C 127 26.32 -0.40 28.94
N GLY C 128 25.07 -0.50 28.48
CA GLY C 128 24.54 0.40 27.48
C GLY C 128 23.51 -0.36 26.65
N LEU C 129 22.87 0.33 25.72
CA LEU C 129 21.86 -0.28 24.88
C LEU C 129 21.60 0.68 23.70
N ASP C 130 21.79 0.20 22.47
CA ASP C 130 21.63 1.07 21.31
C ASP C 130 21.10 0.33 20.07
N ILE C 131 20.70 -0.95 20.21
CA ILE C 131 19.94 -1.66 19.20
C ILE C 131 18.83 -2.42 19.91
N LEU C 132 17.60 -2.29 19.44
CA LEU C 132 16.53 -3.17 19.93
C LEU C 132 15.97 -3.88 18.73
N ALA C 133 16.01 -5.21 18.70
CA ALA C 133 15.39 -6.00 17.65
C ALA C 133 14.28 -6.77 18.32
N LEU C 134 13.05 -6.37 18.04
CA LEU C 134 11.88 -6.91 18.73
C LEU C 134 11.23 -7.92 17.82
N VAL C 135 11.53 -9.20 18.09
CA VAL C 135 11.21 -10.27 17.17
C VAL C 135 10.21 -11.27 17.79
N ALA C 136 10.11 -11.30 19.12
CA ALA C 136 9.18 -12.24 19.77
C ALA C 136 7.78 -12.11 19.19
N GLY C 137 7.10 -13.25 19.02
CA GLY C 137 5.70 -13.20 18.57
C GLY C 137 4.99 -14.48 18.89
N LYS C 138 3.68 -14.34 19.06
CA LYS C 138 2.71 -15.43 19.19
C LYS C 138 1.91 -15.55 17.91
N GLN C 139 1.66 -16.79 17.45
CA GLN C 139 0.93 -17.06 16.21
C GLN C 139 0.18 -18.36 16.35
N THR C 140 -1.14 -18.30 16.28
CA THR C 140 -1.94 -19.52 16.44
C THR C 140 -3.01 -19.58 15.35
N ALA C 141 -2.90 -20.56 14.45
CA ALA C 141 -3.86 -20.73 13.36
C ALA C 141 -5.19 -21.25 13.92
N ILE C 142 -6.28 -20.60 13.54
CA ILE C 142 -7.65 -21.01 13.92
C ILE C 142 -8.52 -20.79 12.66
N PRO C 143 -8.86 -21.87 11.94
CA PRO C 143 -9.55 -21.65 10.65
C PRO C 143 -10.95 -21.05 10.74
N GLU C 144 -11.69 -21.23 11.83
CA GLU C 144 -13.06 -20.75 11.91
CA GLU C 144 -13.06 -20.73 11.90
C GLU C 144 -13.22 -19.84 13.12
N ILE C 145 -13.77 -18.65 12.89
CA ILE C 145 -13.84 -17.67 13.96
C ILE C 145 -14.56 -18.19 15.20
N LYS C 146 -15.53 -19.11 15.04
CA LYS C 146 -16.22 -19.64 16.22
C LYS C 146 -15.25 -20.23 17.24
N ASP C 147 -14.08 -20.69 16.76
CA ASP C 147 -13.09 -21.35 17.62
C ASP C 147 -11.99 -20.44 18.15
N LEU C 148 -12.06 -19.15 17.82
CA LEU C 148 -11.05 -18.18 18.21
C LEU C 148 -11.47 -17.58 19.55
N THR C 149 -10.79 -17.92 20.64
CA THR C 149 -11.25 -17.43 21.95
C THR C 149 -10.79 -15.99 22.24
N SER C 150 -11.53 -15.29 23.08
CA SER C 150 -11.11 -13.99 23.56
CA SER C 150 -11.11 -13.99 23.59
C SER C 150 -9.74 -14.06 24.22
N GLU C 151 -9.49 -15.15 24.96
CA GLU C 151 -8.22 -15.30 25.65
CA GLU C 151 -8.20 -15.30 25.64
C GLU C 151 -7.06 -15.32 24.63
N GLN C 152 -7.20 -16.12 23.58
CA GLN C 152 -6.16 -16.19 22.58
C GLN C 152 -6.00 -14.86 21.86
N PHE C 153 -7.13 -14.24 21.49
CA PHE C 153 -7.08 -12.96 20.77
C PHE C 153 -6.29 -11.94 21.60
N GLN C 154 -6.65 -11.79 22.86
CA GLN C 154 -6.00 -10.81 23.71
C GLN C 154 -4.53 -11.16 23.94
N GLN C 155 -4.22 -12.44 24.14
CA GLN C 155 -2.82 -12.83 24.39
C GLN C 155 -1.95 -12.55 23.15
N THR C 156 -2.49 -12.81 21.97
CA THR C 156 -1.77 -12.46 20.76
C THR C 156 -1.43 -10.96 20.71
N PHE C 157 -2.40 -10.12 21.05
CA PHE C 157 -2.15 -8.69 21.14
C PHE C 157 -1.18 -8.32 22.26
N ALA C 158 -1.25 -9.03 23.39
CA ALA C 158 -0.35 -8.70 24.47
C ALA C 158 1.11 -8.94 24.10
N VAL C 159 1.40 -10.09 23.49
CA VAL C 159 2.78 -10.45 23.15
C VAL C 159 3.27 -9.60 21.99
N ASN C 160 2.41 -9.41 21.00
CA ASN C 160 2.87 -8.86 19.73
C ASN C 160 2.75 -7.34 19.66
N VAL C 161 1.79 -6.76 20.38
CA VAL C 161 1.54 -5.32 20.33
C VAL C 161 1.81 -4.62 21.65
N PHE C 162 1.14 -5.07 22.71
CA PHE C 162 1.32 -4.38 23.99
C PHE C 162 2.77 -4.45 24.47
N ALA C 163 3.42 -5.60 24.34
CA ALA C 163 4.82 -5.71 24.77
C ALA C 163 5.75 -4.84 23.94
N LEU C 164 5.42 -4.67 22.65
CA LEU C 164 6.20 -3.75 21.82
C LEU C 164 6.10 -2.31 22.35
N PHE C 165 4.89 -1.89 22.72
CA PHE C 165 4.69 -0.59 23.34
C PHE C 165 5.44 -0.49 24.71
N TRP C 166 5.28 -1.51 25.56
CA TRP C 166 5.92 -1.45 26.87
C TRP C 166 7.44 -1.32 26.77
N ILE C 167 8.03 -2.14 25.91
CA ILE C 167 9.48 -2.12 25.74
C ILE C 167 9.98 -0.80 25.14
N THR C 168 9.31 -0.35 24.07
CA THR C 168 9.77 0.89 23.43
C THR C 168 9.54 2.09 24.33
N GLN C 169 8.42 2.19 25.04
CA GLN C 169 8.23 3.28 25.96
C GLN C 169 9.33 3.31 27.02
N GLU C 170 9.66 2.15 27.59
CA GLU C 170 10.68 2.08 28.62
CA GLU C 170 10.69 2.10 28.62
C GLU C 170 12.06 2.48 28.04
N ALA C 171 12.32 2.13 26.78
CA ALA C 171 13.65 2.31 26.20
C ALA C 171 13.91 3.72 25.73
N ILE C 172 12.90 4.40 25.18
CA ILE C 172 13.17 5.67 24.52
C ILE C 172 13.96 6.67 25.41
N PRO C 173 13.59 6.86 26.69
CA PRO C 173 14.34 7.87 27.48
C PRO C 173 15.82 7.54 27.63
N LEU C 174 16.20 6.27 27.56
CA LEU C 174 17.60 5.85 27.72
C LEU C 174 18.38 5.60 26.45
N LEU C 175 17.70 5.59 25.30
CA LEU C 175 18.42 5.32 24.05
C LEU C 175 19.20 6.54 23.56
N PRO C 176 20.47 6.35 23.15
CA PRO C 176 21.31 7.47 22.68
C PRO C 176 20.97 7.85 21.25
N LYS C 177 21.37 9.05 20.85
CA LYS C 177 21.32 9.39 19.43
C LYS C 177 22.09 8.33 18.66
N GLY C 178 21.52 7.91 17.52
CA GLY C 178 22.07 6.84 16.72
C GLY C 178 21.49 5.47 17.01
N ALA C 179 20.69 5.34 18.06
CA ALA C 179 20.09 4.05 18.38
C ALA C 179 19.10 3.64 17.28
N SER C 180 18.96 2.33 17.11
CA SER C 180 18.13 1.78 16.04
C SER C 180 17.20 0.70 16.62
N ILE C 181 15.90 0.85 16.34
CA ILE C 181 14.88 -0.09 16.76
C ILE C 181 14.36 -0.79 15.52
N ILE C 182 14.30 -2.12 15.55
CA ILE C 182 13.81 -2.89 14.41
C ILE C 182 12.70 -3.79 14.93
N THR C 183 11.52 -3.64 14.36
CA THR C 183 10.36 -4.41 14.75
C THR C 183 10.03 -5.43 13.67
N THR C 184 9.11 -6.34 13.98
CA THR C 184 8.90 -7.47 13.09
C THR C 184 7.42 -7.64 12.74
N SER C 185 7.09 -7.33 11.49
CA SER C 185 5.72 -7.52 10.96
C SER C 185 5.71 -8.82 10.11
N SER C 186 4.99 -8.83 9.00
CA SER C 186 4.84 -10.02 8.18
C SER C 186 4.17 -9.62 6.88
N ILE C 187 4.33 -10.45 5.85
CA ILE C 187 3.45 -10.39 4.68
C ILE C 187 1.98 -10.40 5.11
N GLN C 188 1.66 -11.05 6.23
CA GLN C 188 0.28 -11.09 6.75
C GLN C 188 -0.29 -9.70 7.02
N ALA C 189 0.57 -8.69 7.26
CA ALA C 189 0.07 -7.34 7.43
C ALA C 189 -0.59 -6.80 6.17
N TYR C 190 -0.16 -7.29 5.01
CA TYR C 190 -0.72 -6.86 3.74
C TYR C 190 -1.71 -7.86 3.16
N GLN C 191 -1.47 -9.13 3.39
CA GLN C 191 -2.27 -10.22 2.82
C GLN C 191 -2.73 -11.17 3.93
N PRO C 192 -3.67 -10.72 4.77
CA PRO C 192 -4.03 -11.52 5.94
C PRO C 192 -4.76 -12.78 5.53
N SER C 193 -4.36 -13.89 6.13
CA SER C 193 -4.99 -15.17 5.88
C SER C 193 -6.17 -15.40 6.82
N PRO C 194 -7.23 -16.04 6.34
CA PRO C 194 -8.43 -16.19 7.18
C PRO C 194 -8.22 -17.08 8.41
N HIS C 195 -7.14 -17.87 8.45
CA HIS C 195 -6.84 -18.66 9.64
C HIS C 195 -5.99 -17.93 10.67
N LEU C 196 -5.68 -16.64 10.42
CA LEU C 196 -4.81 -15.88 11.31
C LEU C 196 -5.41 -14.53 11.67
N LEU C 197 -6.71 -14.48 12.03
CA LEU C 197 -7.40 -13.18 12.17
C LEU C 197 -6.75 -12.28 13.22
N ASP C 198 -6.46 -12.82 14.41
CA ASP C 198 -5.81 -12.03 15.44
C ASP C 198 -4.35 -11.72 15.09
N TYR C 199 -3.60 -12.74 14.72
CA TYR C 199 -2.19 -12.60 14.42
C TYR C 199 -1.93 -11.58 13.31
N ALA C 200 -2.63 -11.72 12.19
CA ALA C 200 -2.39 -10.81 11.07
C ALA C 200 -2.69 -9.37 11.46
N ALA C 201 -3.73 -9.18 12.27
CA ALA C 201 -4.08 -7.83 12.72
C ALA C 201 -2.97 -7.28 13.62
N THR C 202 -2.33 -8.11 14.44
CA THR C 202 -1.21 -7.61 15.23
C THR C 202 -0.06 -7.22 14.32
N LYS C 203 0.17 -7.96 13.23
CA LYS C 203 1.28 -7.65 12.38
C LYS C 203 1.07 -6.30 11.67
N ALA C 204 -0.16 -6.01 11.31
CA ALA C 204 -0.51 -4.67 10.79
C ALA C 204 -0.33 -3.60 11.85
N ALA C 205 -0.75 -3.88 13.08
CA ALA C 205 -0.59 -2.90 14.16
C ALA C 205 0.88 -2.60 14.44
N ILE C 206 1.74 -3.63 14.41
CA ILE C 206 3.16 -3.43 14.62
C ILE C 206 3.75 -2.51 13.53
N LEU C 207 3.41 -2.77 12.29
CA LEU C 207 3.96 -1.97 11.20
C LEU C 207 3.56 -0.52 11.41
N ASN C 208 2.29 -0.26 11.69
CA ASN C 208 1.78 1.09 11.85
C ASN C 208 2.39 1.81 13.06
N TYR C 209 2.38 1.14 14.20
CA TYR C 209 2.93 1.71 15.42
C TYR C 209 4.41 2.09 15.21
N SER C 210 5.13 1.24 14.51
CA SER C 210 6.55 1.50 14.27
C SER C 210 6.76 2.78 13.44
N ARG C 211 5.93 2.98 12.44
CA ARG C 211 6.01 4.18 11.60
C ARG C 211 5.67 5.44 12.40
N GLY C 212 4.63 5.38 13.23
CA GLY C 212 4.28 6.53 14.05
C GLY C 212 5.37 6.82 15.06
N LEU C 213 5.91 5.77 15.67
CA LEU C 213 6.98 5.95 16.65
C LEU C 213 8.21 6.56 15.99
N ALA C 214 8.54 6.08 14.80
CA ALA C 214 9.66 6.65 14.04
C ALA C 214 9.50 8.15 13.88
N LYS C 215 8.29 8.61 13.54
CA LYS C 215 8.07 10.04 13.35
C LYS C 215 8.22 10.78 14.66
N GLN C 216 7.80 10.18 15.76
CA GLN C 216 7.86 10.85 17.05
C GLN C 216 9.29 10.95 17.59
N VAL C 217 10.14 9.95 17.34
CA VAL C 217 11.47 9.95 17.93
C VAL C 217 12.61 10.35 17.00
N ALA C 218 12.28 10.72 15.77
CA ALA C 218 13.29 11.20 14.82
C ALA C 218 14.10 12.34 15.46
N GLU C 219 13.44 13.26 16.18
CA GLU C 219 14.16 14.40 16.72
C GLU C 219 15.17 13.99 17.78
N LYS C 220 14.96 12.83 18.42
CA LYS C 220 15.88 12.28 19.42
C LYS C 220 17.03 11.51 18.79
N GLY C 221 17.08 11.47 17.47
CA GLY C 221 18.14 10.78 16.77
C GLY C 221 17.99 9.26 16.76
N ILE C 222 16.76 8.77 17.03
CA ILE C 222 16.49 7.33 17.08
C ILE C 222 15.76 6.97 15.79
N ARG C 223 16.14 5.85 15.18
CA ARG C 223 15.44 5.34 13.98
C ARG C 223 14.61 4.11 14.36
N VAL C 224 13.46 3.92 13.70
CA VAL C 224 12.60 2.77 13.97
C VAL C 224 12.16 2.25 12.60
N ASN C 225 12.47 0.98 12.32
CA ASN C 225 12.15 0.38 11.02
C ASN C 225 11.56 -1.01 11.26
N ILE C 226 11.01 -1.59 10.18
CA ILE C 226 10.23 -2.83 10.31
C ILE C 226 10.73 -3.86 9.29
N VAL C 227 10.81 -5.12 9.72
CA VAL C 227 11.12 -6.23 8.82
C VAL C 227 9.84 -7.06 8.72
N ALA C 228 9.43 -7.38 7.49
CA ALA C 228 8.21 -8.18 7.26
C ALA C 228 8.58 -9.40 6.45
N PRO C 229 8.85 -10.51 7.16
CA PRO C 229 9.18 -11.75 6.43
C PRO C 229 7.97 -12.38 5.77
N GLY C 230 8.26 -13.21 4.78
CA GLY C 230 7.29 -14.14 4.21
C GLY C 230 7.41 -15.50 4.92
N PRO C 231 7.22 -16.62 4.20
CA PRO C 231 7.17 -17.92 4.89
C PRO C 231 8.59 -18.39 5.23
N ILE C 232 8.92 -18.38 6.52
CA ILE C 232 10.24 -18.78 7.00
C ILE C 232 10.09 -20.01 7.87
N TRP C 233 10.94 -21.02 7.65
CA TRP C 233 10.85 -22.28 8.41
C TRP C 233 11.32 -22.06 9.85
N THR C 234 10.38 -22.11 10.81
CA THR C 234 10.68 -21.80 12.21
C THR C 234 9.73 -22.57 13.14
N ALA C 235 10.10 -22.57 14.42
CA ALA C 235 9.30 -23.22 15.47
C ALA C 235 7.92 -22.62 15.62
N LEU C 236 7.77 -21.35 15.26
CA LEU C 236 6.47 -20.70 15.37
C LEU C 236 5.45 -21.40 14.47
N GLN C 237 5.94 -21.87 13.33
CA GLN C 237 5.08 -22.48 12.31
C GLN C 237 4.67 -23.89 12.65
N ILE C 238 5.50 -24.64 13.40
CA ILE C 238 5.20 -26.03 13.78
C ILE C 238 4.66 -26.16 15.19
N SER C 239 4.48 -25.05 15.91
CA SER C 239 3.94 -25.11 17.27
C SER C 239 2.54 -24.54 17.33
N GLY C 240 1.86 -24.48 16.19
CA GLY C 240 0.48 -24.01 16.15
C GLY C 240 0.26 -22.85 15.20
N GLY C 241 1.33 -22.25 14.66
CA GLY C 241 1.24 -21.11 13.75
C GLY C 241 0.55 -21.45 12.44
N GLN C 242 0.77 -22.67 11.98
CA GLN C 242 0.11 -23.19 10.78
C GLN C 242 -0.75 -24.38 11.17
N THR C 243 -1.79 -24.63 10.39
CA THR C 243 -2.46 -25.92 10.53
C THR C 243 -1.54 -27.03 9.99
N GLN C 244 -1.72 -28.25 10.48
CA GLN C 244 -0.80 -29.31 10.10
C GLN C 244 -0.79 -29.57 8.61
N ASP C 245 -1.93 -29.42 7.97
CA ASP C 245 -2.01 -29.69 6.53
C ASP C 245 -1.22 -28.69 5.71
N LYS C 246 -0.87 -27.54 6.31
CA LYS C 246 -0.12 -26.53 5.56
CA LYS C 246 -0.12 -26.49 5.58
C LYS C 246 1.40 -26.68 5.70
N ILE C 247 1.85 -27.62 6.53
CA ILE C 247 3.29 -27.77 6.78
CA ILE C 247 3.28 -27.75 6.78
C ILE C 247 4.04 -28.41 5.61
N PRO C 248 3.50 -29.50 5.02
CA PRO C 248 4.32 -30.19 4.01
C PRO C 248 4.79 -29.32 2.86
N GLN C 249 3.92 -28.46 2.33
CA GLN C 249 4.28 -27.61 1.19
C GLN C 249 4.55 -26.17 1.60
N PHE C 250 4.86 -25.97 2.88
CA PHE C 250 5.13 -24.64 3.41
C PHE C 250 6.20 -23.95 2.56
N GLY C 251 5.89 -22.74 2.08
CA GLY C 251 6.82 -21.93 1.28
C GLY C 251 6.80 -22.20 -0.21
N GLN C 252 6.21 -23.30 -0.65
CA GLN C 252 6.37 -23.71 -2.03
C GLN C 252 5.55 -22.87 -3.00
N GLN C 253 4.61 -22.08 -2.46
CA GLN C 253 3.79 -21.21 -3.30
C GLN C 253 4.49 -19.91 -3.66
N THR C 254 5.62 -19.59 -3.05
CA THR C 254 6.29 -18.34 -3.38
C THR C 254 6.91 -18.44 -4.77
N PRO C 255 7.19 -17.29 -5.41
CA PRO C 255 7.88 -17.35 -6.70
C PRO C 255 9.20 -18.14 -6.64
N MET C 256 9.91 -18.06 -5.52
CA MET C 256 11.13 -18.83 -5.43
C MET C 256 10.93 -20.33 -5.16
N LYS C 257 9.68 -20.72 -4.89
CA LYS C 257 9.27 -22.13 -4.74
C LYS C 257 9.85 -22.84 -3.50
N ARG C 258 10.27 -22.08 -2.51
CA ARG C 258 10.74 -22.67 -1.27
C ARG C 258 10.44 -21.70 -0.14
N ALA C 259 10.41 -22.21 1.09
CA ALA C 259 10.46 -21.36 2.28
C ALA C 259 11.82 -20.73 2.45
N GLY C 260 11.85 -19.60 3.13
CA GLY C 260 13.12 -19.04 3.54
C GLY C 260 13.63 -19.73 4.81
N GLN C 261 14.93 -19.63 5.04
CA GLN C 261 15.51 -20.02 6.31
C GLN C 261 15.81 -18.76 7.12
N PRO C 262 15.77 -18.87 8.45
CA PRO C 262 16.01 -17.64 9.25
C PRO C 262 17.30 -16.92 8.91
N ALA C 263 18.34 -17.65 8.50
CA ALA C 263 19.59 -17.04 8.10
C ALA C 263 19.39 -15.89 7.13
N GLU C 264 18.40 -16.04 6.25
CA GLU C 264 18.19 -15.09 5.18
C GLU C 264 17.59 -13.75 5.64
N LEU C 265 17.17 -13.68 6.90
CA LEU C 265 16.68 -12.46 7.49
C LEU C 265 17.80 -11.61 8.12
N ALA C 266 18.92 -12.26 8.47
CA ALA C 266 19.94 -11.52 9.20
C ALA C 266 20.46 -10.27 8.46
N PRO C 267 20.72 -10.37 7.14
CA PRO C 267 21.34 -9.18 6.50
C PRO C 267 20.49 -7.92 6.63
N VAL C 268 19.15 -8.02 6.56
CA VAL C 268 18.35 -6.78 6.66
C VAL C 268 18.32 -6.28 8.11
N TYR C 269 18.33 -7.20 9.10
CA TYR C 269 18.40 -6.77 10.49
C TYR C 269 19.72 -6.01 10.75
N VAL C 270 20.82 -6.47 10.14
CA VAL C 270 22.11 -5.77 10.24
C VAL C 270 22.09 -4.40 9.53
N TYR C 271 21.61 -4.37 8.29
CA TYR C 271 21.49 -3.11 7.55
C TYR C 271 20.75 -2.05 8.37
N LEU C 272 19.61 -2.43 8.99
CA LEU C 272 18.81 -1.48 9.75
C LEU C 272 19.44 -1.08 11.08
N ALA C 273 20.11 -2.04 11.76
CA ALA C 273 20.81 -1.69 13.01
C ALA C 273 21.99 -0.76 12.76
N SER C 274 22.67 -0.98 11.65
CA SER C 274 23.90 -0.26 11.33
C SER C 274 23.64 1.22 11.07
N GLN C 275 24.66 2.02 11.36
CA GLN C 275 24.58 3.44 11.11
C GLN C 275 24.52 3.75 9.62
N GLU C 276 24.81 2.74 8.79
CA GLU C 276 24.76 2.90 7.33
C GLU C 276 23.38 3.28 6.83
N SER C 277 22.33 2.90 7.56
CA SER C 277 20.96 3.19 7.14
C SER C 277 20.47 4.52 7.75
N SER C 278 21.37 5.49 7.78
CA SER C 278 21.09 6.80 8.37
C SER C 278 19.87 7.55 7.85
N TYR C 279 19.51 7.35 6.59
CA TYR C 279 18.34 8.06 6.04
C TYR C 279 17.10 7.16 5.99
N VAL C 280 17.15 6.04 6.72
CA VAL C 280 16.06 5.05 6.73
C VAL C 280 15.38 5.05 8.07
N THR C 281 14.14 5.54 8.09
CA THR C 281 13.28 5.40 9.28
C THR C 281 11.84 5.32 8.83
N ALA C 282 11.01 4.59 9.59
CA ALA C 282 9.60 4.35 9.27
C ALA C 282 9.39 3.45 8.06
N GLU C 283 10.40 2.68 7.67
CA GLU C 283 10.27 1.87 6.46
C GLU C 283 10.17 0.37 6.75
N VAL C 284 9.39 -0.33 5.94
CA VAL C 284 9.25 -1.78 6.07
C VAL C 284 10.02 -2.48 4.97
N HIS C 285 10.61 -3.62 5.33
CA HIS C 285 11.50 -4.35 4.43
C HIS C 285 11.04 -5.77 4.33
N GLY C 286 10.66 -6.17 3.12
CA GLY C 286 10.17 -7.52 2.88
C GLY C 286 11.27 -8.52 2.57
N VAL C 287 11.12 -9.73 3.10
CA VAL C 287 12.04 -10.86 2.80
C VAL C 287 11.09 -12.06 2.64
N CYS C 288 10.55 -12.18 1.44
CA CYS C 288 9.41 -13.07 1.18
C CYS C 288 9.45 -14.03 0.02
N GLY C 289 10.62 -14.23 -0.59
CA GLY C 289 10.75 -15.17 -1.69
C GLY C 289 9.92 -14.76 -2.90
N GLY C 290 9.62 -13.47 -3.00
CA GLY C 290 8.78 -12.94 -4.07
C GLY C 290 7.29 -12.81 -3.76
N GLU C 291 6.84 -13.26 -2.60
CA GLU C 291 5.46 -13.06 -2.14
CA GLU C 291 5.46 -13.06 -2.14
C GLU C 291 5.48 -11.68 -1.49
N HIS C 292 5.58 -10.67 -2.37
CA HIS C 292 5.94 -9.32 -1.97
C HIS C 292 4.90 -8.54 -1.17
N LEU C 293 5.42 -7.62 -0.37
CA LEU C 293 4.61 -6.67 0.38
C LEU C 293 3.96 -5.70 -0.61
N GLY C 294 3.13 -4.81 -0.08
N GLY C 294 2.93 -5.03 -0.06
CA GLY C 294 2.70 -3.66 -0.87
CA GLY C 294 2.15 -4.02 -0.76
C GLY C 294 3.79 -2.62 -1.13
C GLY C 294 0.65 -4.21 -0.62
N HIS D 3 32.20 5.46 17.26
CA HIS D 3 31.19 6.28 17.93
C HIS D 3 29.82 6.17 17.26
N LEU D 4 28.77 6.48 18.00
CA LEU D 4 27.40 6.63 17.47
C LEU D 4 27.10 8.05 17.04
N TYR D 5 26.53 8.21 15.85
CA TYR D 5 26.22 9.51 15.28
C TYR D 5 24.70 9.74 15.22
N ASP D 6 24.25 10.97 15.45
CA ASP D 6 22.85 11.33 15.27
C ASP D 6 22.57 11.39 13.77
N PRO D 7 21.71 10.51 13.24
CA PRO D 7 21.52 10.52 11.79
C PRO D 7 20.83 11.80 11.32
N THR D 8 20.07 12.46 12.18
CA THR D 8 19.35 13.66 11.69
C THR D 8 20.31 14.80 11.38
N THR D 9 21.48 14.81 12.01
CA THR D 9 22.42 15.91 11.77
C THR D 9 23.71 15.41 11.14
N GLN D 10 23.72 14.20 10.61
CA GLN D 10 24.92 13.65 9.98
C GLN D 10 25.29 14.37 8.67
N TYR D 11 24.27 14.86 7.98
CA TYR D 11 24.45 15.57 6.72
C TYR D 11 23.75 16.92 6.84
N TYR D 12 23.99 17.79 5.87
CA TYR D 12 23.52 19.17 5.92
C TYR D 12 22.02 19.28 6.14
N THR D 13 21.61 20.18 7.04
CA THR D 13 20.20 20.34 7.39
C THR D 13 19.64 21.69 6.98
N GLY D 14 20.44 22.58 6.39
CA GLY D 14 19.98 23.93 6.10
C GLY D 14 19.34 24.08 4.74
N GLU D 15 19.22 25.34 4.28
CA GLU D 15 18.59 25.62 3.01
C GLU D 15 19.60 25.57 1.88
N TYR D 16 19.12 25.27 0.69
CA TYR D 16 19.96 25.21 -0.49
C TYR D 16 19.79 26.48 -1.35
N PRO D 17 20.89 27.00 -1.93
CA PRO D 17 20.79 28.16 -2.83
C PRO D 17 19.96 27.77 -4.05
N LYS D 18 19.10 28.68 -4.52
CA LYS D 18 18.54 28.51 -5.85
C LYS D 18 19.67 28.46 -6.86
N GLN D 19 19.51 27.56 -7.84
CA GLN D 19 20.53 27.35 -8.84
C GLN D 19 19.84 26.58 -9.95
N LYS D 20 20.35 26.73 -11.16
CA LYS D 20 19.75 25.98 -12.27
CA LYS D 20 19.74 25.98 -12.26
C LYS D 20 20.87 25.64 -13.24
N GLN D 21 20.78 24.46 -13.85
CA GLN D 21 21.67 24.06 -14.94
C GLN D 21 20.80 23.41 -16.01
N PRO D 22 21.23 23.44 -17.28
CA PRO D 22 20.53 22.68 -18.32
C PRO D 22 20.61 21.19 -17.99
N ALA D 23 19.50 20.48 -18.14
CA ALA D 23 19.48 19.03 -17.93
C ALA D 23 20.52 18.35 -18.84
N PRO D 24 21.16 17.28 -18.34
CA PRO D 24 20.94 16.59 -17.07
C PRO D 24 21.76 17.19 -15.90
N GLY D 25 22.50 18.26 -16.15
CA GLY D 25 23.29 18.87 -15.09
C GLY D 25 24.66 18.26 -14.93
N VAL D 26 25.52 19.01 -14.26
CA VAL D 26 26.85 18.54 -13.89
C VAL D 26 26.95 18.72 -12.38
N GLN D 27 27.00 17.61 -11.65
CA GLN D 27 26.93 17.76 -10.19
C GLN D 27 28.19 18.44 -9.63
N ALA D 28 29.31 18.35 -10.36
CA ALA D 28 30.56 18.99 -9.92
C ALA D 28 30.39 20.50 -9.84
N LYS D 29 29.41 21.07 -10.57
CA LYS D 29 29.16 22.51 -10.56
C LYS D 29 28.06 22.97 -9.58
N MET D 30 27.49 22.02 -8.82
CA MET D 30 26.43 22.37 -7.86
C MET D 30 26.99 23.08 -6.65
N THR D 31 26.14 23.86 -6.01
CA THR D 31 26.48 24.49 -4.74
C THR D 31 25.46 24.05 -3.68
N PRO D 32 25.80 23.05 -2.85
CA PRO D 32 27.06 22.28 -2.78
C PRO D 32 27.02 21.01 -3.64
N VAL D 33 28.17 20.41 -3.88
CA VAL D 33 28.26 19.14 -4.60
C VAL D 33 27.68 18.03 -3.70
N PRO D 34 26.81 17.18 -4.25
CA PRO D 34 26.27 16.07 -3.45
C PRO D 34 27.39 15.17 -2.92
N ASP D 35 27.20 14.62 -1.72
CA ASP D 35 28.15 13.65 -1.17
C ASP D 35 27.70 12.27 -1.62
N CYS D 36 28.49 11.60 -2.45
CA CYS D 36 28.17 10.28 -2.96
C CYS D 36 28.95 9.16 -2.28
N GLY D 37 29.54 9.45 -1.13
CA GLY D 37 30.26 8.44 -0.37
C GLY D 37 31.73 8.30 -0.74
N GLU D 38 32.26 9.26 -1.51
CA GLU D 38 33.65 9.22 -1.96
C GLU D 38 34.65 8.99 -0.83
N LYS D 39 34.39 9.63 0.31
CA LYS D 39 35.32 9.52 1.42
C LYS D 39 34.81 8.65 2.55
N SER D 40 33.55 8.26 2.52
CA SER D 40 32.96 7.54 3.65
C SER D 40 32.69 6.06 3.42
N TYR D 41 32.41 5.64 2.20
CA TYR D 41 31.98 4.25 2.01
C TYR D 41 33.16 3.29 2.11
N VAL D 42 33.03 2.29 2.99
CA VAL D 42 34.06 1.26 3.16
C VAL D 42 33.48 -0.11 2.86
N GLY D 43 34.14 -0.86 1.97
CA GLY D 43 33.67 -2.17 1.59
C GLY D 43 34.23 -3.29 2.47
N SER D 44 33.69 -4.49 2.29
CA SER D 44 34.09 -5.68 3.05
C SER D 44 34.04 -6.91 2.14
N GLY D 45 34.14 -6.71 0.84
CA GLY D 45 34.16 -7.84 -0.08
C GLY D 45 32.82 -8.48 -0.37
N ARG D 46 31.72 -7.78 -0.08
CA ARG D 46 30.40 -8.36 -0.30
C ARG D 46 30.04 -8.59 -1.75
N LEU D 47 30.77 -7.93 -2.67
CA LEU D 47 30.54 -8.13 -4.09
C LEU D 47 31.83 -8.54 -4.79
N LYS D 48 32.68 -9.30 -4.11
CA LYS D 48 33.99 -9.61 -4.68
C LYS D 48 33.86 -10.33 -6.02
N ASP D 49 34.53 -9.74 -7.01
CA ASP D 49 34.61 -10.24 -8.39
C ASP D 49 33.26 -10.27 -9.13
N ARG D 50 32.28 -9.55 -8.61
CA ARG D 50 31.00 -9.37 -9.29
C ARG D 50 31.24 -8.39 -10.44
N LYS D 51 30.31 -8.35 -11.40
CA LYS D 51 30.43 -7.48 -12.56
C LYS D 51 29.14 -6.67 -12.69
N ALA D 52 29.25 -5.35 -12.55
CA ALA D 52 28.05 -4.50 -12.49
C ALA D 52 27.95 -3.51 -13.66
N LEU D 53 26.72 -3.30 -14.12
CA LEU D 53 26.40 -2.16 -14.97
C LEU D 53 25.52 -1.25 -14.16
N VAL D 54 25.87 0.04 -14.10
CA VAL D 54 25.06 1.03 -13.40
C VAL D 54 24.71 2.15 -14.40
N THR D 55 23.43 2.31 -14.68
CA THR D 55 23.00 3.49 -15.46
C THR D 55 22.87 4.67 -14.51
N GLY D 56 23.08 5.88 -15.03
CA GLY D 56 23.19 7.05 -14.19
C GLY D 56 24.39 6.95 -13.24
N GLY D 57 25.45 6.26 -13.65
CA GLY D 57 26.56 6.00 -12.76
C GLY D 57 27.52 7.18 -12.62
N ASP D 58 27.33 8.24 -13.39
CA ASP D 58 28.20 9.43 -13.38
C ASP D 58 27.99 10.32 -12.16
N SER D 59 26.78 10.37 -11.63
CA SER D 59 26.42 11.37 -10.63
C SER D 59 25.33 10.83 -9.70
N GLY D 60 25.14 11.51 -8.58
CA GLY D 60 23.97 11.24 -7.73
C GLY D 60 23.92 9.82 -7.19
N ILE D 61 22.71 9.27 -7.15
CA ILE D 61 22.50 7.97 -6.53
C ILE D 61 23.20 6.85 -7.30
N GLY D 62 23.21 6.92 -8.63
CA GLY D 62 23.88 5.88 -9.40
C GLY D 62 25.37 5.92 -9.13
N ARG D 63 25.92 7.12 -9.00
CA ARG D 63 27.32 7.27 -8.63
C ARG D 63 27.63 6.66 -7.28
N ALA D 64 26.77 6.94 -6.29
CA ALA D 64 26.98 6.36 -4.98
C ALA D 64 26.96 4.85 -5.03
N ALA D 65 26.08 4.25 -5.84
CA ALA D 65 26.04 2.80 -6.01
C ALA D 65 27.31 2.30 -6.72
N ALA D 66 27.75 3.00 -7.77
CA ALA D 66 28.92 2.58 -8.51
C ALA D 66 30.16 2.58 -7.62
N ILE D 67 30.31 3.64 -6.83
CA ILE D 67 31.45 3.75 -5.92
C ILE D 67 31.42 2.59 -4.91
N ALA D 68 30.27 2.38 -4.28
CA ALA D 68 30.15 1.32 -3.29
C ALA D 68 30.38 -0.05 -3.90
N TYR D 69 29.86 -0.28 -5.10
CA TYR D 69 30.07 -1.58 -5.76
C TYR D 69 31.55 -1.85 -5.97
N ALA D 70 32.29 -0.88 -6.49
CA ALA D 70 33.74 -1.02 -6.61
C ALA D 70 34.38 -1.21 -5.24
N ARG D 71 33.96 -0.45 -4.22
CA ARG D 71 34.55 -0.61 -2.89
C ARG D 71 34.30 -2.03 -2.30
N GLU D 72 33.20 -2.67 -2.71
CA GLU D 72 32.84 -4.02 -2.26
C GLU D 72 33.44 -5.12 -3.14
N GLY D 73 34.24 -4.74 -4.12
CA GLY D 73 34.99 -5.70 -4.92
C GLY D 73 34.51 -5.96 -6.36
N ALA D 74 33.49 -5.22 -6.81
CA ALA D 74 32.96 -5.43 -8.16
C ALA D 74 33.69 -4.59 -9.19
N ASP D 75 33.85 -5.14 -10.38
CA ASP D 75 34.16 -4.30 -11.54
C ASP D 75 32.89 -3.62 -12.01
N VAL D 76 33.01 -2.39 -12.52
CA VAL D 76 31.84 -1.56 -12.74
C VAL D 76 31.90 -0.85 -14.08
N ALA D 77 30.88 -1.05 -14.89
CA ALA D 77 30.60 -0.26 -16.08
C ALA D 77 29.53 0.76 -15.76
N ILE D 78 29.75 2.02 -16.15
CA ILE D 78 28.73 3.04 -15.97
C ILE D 78 28.24 3.55 -17.31
N ASN D 79 26.93 3.79 -17.37
CA ASN D 79 26.33 4.51 -18.47
C ASN D 79 25.85 5.86 -17.91
N TYR D 80 25.73 6.83 -18.81
CA TYR D 80 25.48 8.23 -18.51
C TYR D 80 25.33 8.93 -19.87
N LEU D 81 24.83 10.17 -19.88
CA LEU D 81 24.81 10.95 -21.12
C LEU D 81 26.19 11.55 -21.34
N PRO D 82 26.66 11.59 -22.60
CA PRO D 82 28.05 12.00 -22.82
C PRO D 82 28.33 13.46 -22.44
N ALA D 83 27.28 14.29 -22.35
CA ALA D 83 27.44 15.64 -21.80
C ALA D 83 27.87 15.67 -20.34
N GLU D 84 27.86 14.51 -19.66
CA GLU D 84 28.20 14.40 -18.24
C GLU D 84 29.63 13.94 -17.97
N GLU D 85 30.52 14.03 -18.96
CA GLU D 85 31.87 13.52 -18.79
C GLU D 85 32.62 14.12 -17.60
N GLU D 86 32.33 15.37 -17.24
CA GLU D 86 33.01 15.98 -16.10
C GLU D 86 32.75 15.20 -14.82
N ASP D 87 31.51 14.71 -14.64
CA ASP D 87 31.17 13.85 -13.50
C ASP D 87 31.68 12.41 -13.70
N ALA D 88 31.43 11.86 -14.89
CA ALA D 88 31.78 10.46 -15.15
C ALA D 88 33.27 10.15 -14.96
N GLN D 89 34.13 11.06 -15.39
CA GLN D 89 35.56 10.86 -15.24
C GLN D 89 35.97 10.74 -13.77
N GLN D 90 35.29 11.48 -12.88
CA GLN D 90 35.60 11.37 -11.47
C GLN D 90 35.28 9.96 -10.99
N VAL D 91 34.19 9.39 -11.51
CA VAL D 91 33.78 8.06 -11.08
C VAL D 91 34.74 6.96 -11.59
N LYS D 92 35.20 7.12 -12.83
CA LYS D 92 36.26 6.25 -13.33
C LYS D 92 37.42 6.20 -12.35
N ALA D 93 37.90 7.37 -11.93
CA ALA D 93 39.02 7.44 -10.99
C ALA D 93 38.70 6.74 -9.67
N LEU D 94 37.49 6.95 -9.15
CA LEU D 94 37.08 6.34 -7.87
C LEU D 94 37.05 4.81 -7.96
N ILE D 95 36.52 4.29 -9.07
CA ILE D 95 36.47 2.85 -9.27
C ILE D 95 37.90 2.28 -9.33
N GLU D 96 38.73 2.92 -10.13
CA GLU D 96 40.11 2.48 -10.31
C GLU D 96 40.92 2.56 -9.00
N GLU D 97 40.64 3.56 -8.17
CA GLU D 97 41.34 3.74 -6.91
C GLU D 97 41.01 2.59 -5.93
N CYS D 98 39.94 1.84 -6.18
CA CYS D 98 39.60 0.64 -5.39
C CYS D 98 40.32 -0.58 -5.91
N GLY D 99 41.05 -0.41 -6.99
CA GLY D 99 41.74 -1.53 -7.61
C GLY D 99 40.87 -2.36 -8.54
N ARG D 100 39.74 -1.78 -8.96
CA ARG D 100 38.77 -2.48 -9.80
CA ARG D 100 38.80 -2.50 -9.81
C ARG D 100 38.81 -1.91 -11.21
N LYS D 101 38.22 -2.61 -12.15
CA LYS D 101 38.09 -2.12 -13.52
C LYS D 101 36.88 -1.22 -13.67
N ALA D 102 37.10 -0.11 -14.36
CA ALA D 102 36.06 0.87 -14.70
C ALA D 102 35.85 0.86 -16.19
N VAL D 103 34.59 0.84 -16.62
CA VAL D 103 34.25 0.95 -18.03
C VAL D 103 33.23 2.05 -18.20
N LEU D 104 33.50 3.03 -19.07
CA LEU D 104 32.61 4.16 -19.27
C LEU D 104 31.94 3.99 -20.63
N LEU D 105 30.62 3.77 -20.60
CA LEU D 105 29.81 3.53 -21.79
C LEU D 105 28.69 4.55 -21.92
N PRO D 106 29.03 5.79 -22.30
CA PRO D 106 27.99 6.83 -22.42
C PRO D 106 27.07 6.61 -23.60
N GLY D 107 25.84 7.06 -23.45
CA GLY D 107 24.87 7.03 -24.54
C GLY D 107 23.48 7.31 -24.03
N ASP D 108 22.65 7.84 -24.91
CA ASP D 108 21.28 8.19 -24.59
C ASP D 108 20.36 6.98 -24.64
N LEU D 109 19.81 6.63 -23.47
CA LEU D 109 18.95 5.47 -23.30
C LEU D 109 17.59 5.55 -23.98
N SER D 110 17.20 6.76 -24.41
CA SER D 110 15.95 6.88 -25.13
C SER D 110 16.07 6.34 -26.56
N ASP D 111 17.29 6.08 -26.99
CA ASP D 111 17.52 5.41 -28.27
C ASP D 111 17.52 3.90 -28.02
N GLU D 112 16.52 3.21 -28.55
CA GLU D 112 16.36 1.78 -28.26
C GLU D 112 17.58 0.95 -28.68
N SER D 113 18.15 1.25 -29.84
CA SER D 113 19.29 0.49 -30.31
C SER D 113 20.46 0.65 -29.33
N PHE D 114 20.70 1.86 -28.84
CA PHE D 114 21.75 2.04 -27.87
C PHE D 114 21.46 1.31 -26.55
N ALA D 115 20.24 1.43 -26.07
CA ALA D 115 19.88 0.84 -24.78
C ALA D 115 20.09 -0.68 -24.82
N ARG D 116 19.71 -1.31 -25.92
CA ARG D 116 19.90 -2.76 -26.10
C ARG D 116 21.38 -3.13 -26.22
N SER D 117 22.12 -2.34 -26.99
CA SER D 117 23.54 -2.61 -27.19
C SER D 117 24.33 -2.52 -25.90
N LEU D 118 23.94 -1.58 -25.04
CA LEU D 118 24.64 -1.29 -23.78
C LEU D 118 24.93 -2.56 -22.94
N VAL D 119 23.90 -3.38 -22.75
CA VAL D 119 24.08 -4.59 -22.00
C VAL D 119 25.19 -5.50 -22.57
N HIS D 120 25.19 -5.65 -23.90
CA HIS D 120 26.21 -6.48 -24.54
C HIS D 120 27.60 -5.85 -24.44
N LYS D 121 27.69 -4.54 -24.66
CA LYS D 121 28.97 -3.86 -24.54
C LYS D 121 29.54 -3.96 -23.13
N ALA D 122 28.67 -3.81 -22.13
CA ALA D 122 29.13 -3.91 -20.75
C ALA D 122 29.62 -5.33 -20.43
N ARG D 123 28.85 -6.34 -20.82
CA ARG D 123 29.22 -7.71 -20.54
C ARG D 123 30.56 -8.03 -21.22
N GLU D 124 30.73 -7.58 -22.46
CA GLU D 124 31.98 -7.85 -23.17
C GLU D 124 33.16 -7.19 -22.49
N ALA D 125 32.98 -5.92 -22.09
CA ALA D 125 34.09 -5.18 -21.48
C ALA D 125 34.47 -5.72 -20.10
N LEU D 126 33.48 -6.17 -19.34
CA LEU D 126 33.73 -6.65 -17.99
C LEU D 126 34.09 -8.13 -17.92
N GLY D 127 33.89 -8.88 -19.00
CA GLY D 127 34.10 -10.32 -18.95
C GLY D 127 32.97 -11.03 -18.23
N GLY D 128 31.77 -10.44 -18.24
CA GLY D 128 30.60 -11.02 -17.59
C GLY D 128 29.69 -9.92 -17.10
N LEU D 129 28.57 -10.29 -16.51
CA LEU D 129 27.62 -9.31 -16.01
C LEU D 129 26.64 -9.99 -15.08
N ASP D 130 26.59 -9.54 -13.83
CA ASP D 130 25.73 -10.17 -12.84
C ASP D 130 25.09 -9.22 -11.81
N ILE D 131 25.29 -7.92 -11.99
CA ILE D 131 24.53 -6.91 -11.26
C ILE D 131 24.10 -5.85 -12.27
N LEU D 132 22.82 -5.50 -12.28
CA LEU D 132 22.35 -4.35 -13.04
C LEU D 132 21.71 -3.41 -12.08
N ALA D 133 22.25 -2.20 -11.93
CA ALA D 133 21.61 -1.17 -11.13
C ALA D 133 21.14 -0.08 -12.09
N LEU D 134 19.83 0.00 -12.27
CA LEU D 134 19.26 0.86 -13.28
C LEU D 134 18.76 2.11 -12.59
N VAL D 135 19.56 3.16 -12.67
CA VAL D 135 19.33 4.34 -11.85
C VAL D 135 19.03 5.58 -12.71
N ALA D 136 19.41 5.54 -13.99
CA ALA D 136 19.14 6.72 -14.86
C ALA D 136 17.68 7.14 -14.80
N GLY D 137 17.42 8.44 -14.81
CA GLY D 137 16.04 8.90 -14.88
C GLY D 137 15.98 10.34 -15.32
N LYS D 138 14.86 10.70 -15.99
CA LYS D 138 14.50 12.06 -16.36
C LYS D 138 13.40 12.53 -15.42
N GLN D 139 13.48 13.77 -14.99
CA GLN D 139 12.48 14.36 -14.08
C GLN D 139 12.36 15.84 -14.41
N THR D 140 11.16 16.28 -14.78
CA THR D 140 10.94 17.70 -15.11
C THR D 140 9.69 18.23 -14.45
N ALA D 141 9.85 19.18 -13.53
CA ALA D 141 8.72 19.77 -12.82
C ALA D 141 7.90 20.67 -13.73
N ILE D 142 6.57 20.48 -13.74
CA ILE D 142 5.64 21.31 -14.51
C ILE D 142 4.41 21.48 -13.62
N PRO D 143 4.26 22.65 -12.96
CA PRO D 143 3.15 22.76 -11.99
C PRO D 143 1.74 22.70 -12.57
N GLU D 144 1.54 23.07 -13.84
CA GLU D 144 0.19 23.12 -14.40
C GLU D 144 0.14 22.27 -15.66
N ILE D 145 -0.86 21.39 -15.74
CA ILE D 145 -0.95 20.44 -16.84
C ILE D 145 -0.97 21.14 -18.20
N LYS D 146 -1.51 22.37 -18.28
CA LYS D 146 -1.52 23.05 -19.58
C LYS D 146 -0.12 23.17 -20.16
N ASP D 147 0.91 23.19 -19.31
CA ASP D 147 2.29 23.39 -19.76
C ASP D 147 3.09 22.09 -19.93
N LEU D 148 2.43 20.94 -19.79
CA LEU D 148 3.11 19.65 -19.89
C LEU D 148 3.00 19.15 -21.35
N THR D 149 4.10 19.12 -22.09
CA THR D 149 4.00 18.76 -23.50
C THR D 149 3.97 17.25 -23.71
N SER D 150 3.38 16.81 -24.82
CA SER D 150 3.50 15.41 -25.22
C SER D 150 4.93 14.96 -25.37
N GLU D 151 5.79 15.83 -25.92
CA GLU D 151 7.18 15.46 -26.11
C GLU D 151 7.84 15.12 -24.75
N GLN D 152 7.61 15.98 -23.75
CA GLN D 152 8.18 15.72 -22.43
C GLN D 152 7.61 14.46 -21.81
N PHE D 153 6.29 14.31 -21.89
CA PHE D 153 5.62 13.15 -21.31
C PHE D 153 6.22 11.85 -21.90
N GLN D 154 6.29 11.79 -23.23
CA GLN D 154 6.79 10.59 -23.86
CA GLN D 154 6.84 10.63 -23.95
C GLN D 154 8.30 10.37 -23.59
N GLN D 155 9.10 11.44 -23.57
CA GLN D 155 10.52 11.29 -23.26
C GLN D 155 10.73 10.77 -21.83
N THR D 156 9.93 11.27 -20.89
CA THR D 156 10.06 10.77 -19.51
C THR D 156 9.76 9.28 -19.44
N PHE D 157 8.73 8.84 -20.16
CA PHE D 157 8.45 7.40 -20.23
C PHE D 157 9.51 6.63 -21.02
N ALA D 158 10.10 7.24 -22.04
CA ALA D 158 11.15 6.54 -22.79
C ALA D 158 12.36 6.26 -21.93
N VAL D 159 12.84 7.27 -21.21
CA VAL D 159 14.04 7.10 -20.40
C VAL D 159 13.77 6.21 -19.18
N ASN D 160 12.62 6.42 -18.54
CA ASN D 160 12.39 5.82 -17.22
C ASN D 160 11.73 4.44 -17.31
N VAL D 161 10.91 4.22 -18.34
CA VAL D 161 10.14 2.96 -18.44
C VAL D 161 10.60 2.16 -19.65
N PHE D 162 10.55 2.74 -20.84
CA PHE D 162 10.88 1.92 -22.00
C PHE D 162 12.33 1.44 -21.96
N ALA D 163 13.27 2.28 -21.56
CA ALA D 163 14.67 1.86 -21.50
C ALA D 163 14.88 0.79 -20.42
N LEU D 164 14.09 0.82 -19.34
CA LEU D 164 14.13 -0.25 -18.34
C LEU D 164 13.72 -1.58 -18.98
N PHE D 165 12.64 -1.60 -19.76
CA PHE D 165 12.23 -2.78 -20.52
C PHE D 165 13.30 -3.21 -21.54
N TRP D 166 13.82 -2.26 -22.32
CA TRP D 166 14.82 -2.64 -23.33
C TRP D 166 16.06 -3.30 -22.71
N ILE D 167 16.58 -2.69 -21.65
CA ILE D 167 17.77 -3.22 -21.00
C ILE D 167 17.48 -4.58 -20.38
N THR D 168 16.40 -4.68 -19.62
CA THR D 168 16.14 -5.95 -18.94
C THR D 168 15.81 -7.06 -19.93
N GLN D 169 15.04 -6.78 -20.98
CA GLN D 169 14.77 -7.81 -21.96
C GLN D 169 16.08 -8.31 -22.56
N GLU D 170 16.98 -7.40 -22.92
CA GLU D 170 18.25 -7.81 -23.52
CA GLU D 170 18.23 -7.79 -23.52
C GLU D 170 19.10 -8.59 -22.52
N ALA D 171 19.02 -8.24 -21.24
CA ALA D 171 19.86 -8.87 -20.22
C ALA D 171 19.43 -10.27 -19.79
N ILE D 172 18.13 -10.51 -19.65
CA ILE D 172 17.70 -11.78 -19.06
C ILE D 172 18.36 -13.03 -19.67
N PRO D 173 18.42 -13.13 -21.01
CA PRO D 173 18.97 -14.38 -21.56
C PRO D 173 20.42 -14.60 -21.18
N LEU D 174 21.15 -13.54 -20.87
CA LEU D 174 22.59 -13.65 -20.62
C LEU D 174 22.97 -13.61 -19.14
N LEU D 175 22.01 -13.33 -18.27
CA LEU D 175 22.35 -13.22 -16.84
C LEU D 175 22.43 -14.60 -16.21
N PRO D 176 23.47 -14.82 -15.39
CA PRO D 176 23.62 -16.12 -14.70
C PRO D 176 22.70 -16.24 -13.49
N LYS D 177 22.48 -17.47 -13.08
CA LYS D 177 21.85 -17.72 -11.79
C LYS D 177 22.61 -16.95 -10.74
N GLY D 178 21.88 -16.30 -9.84
CA GLY D 178 22.51 -15.46 -8.84
C GLY D 178 22.56 -13.98 -9.22
N ALA D 179 22.28 -13.64 -10.48
CA ALA D 179 22.32 -12.24 -10.88
C ALA D 179 21.25 -11.41 -10.14
N SER D 180 21.55 -10.14 -9.95
CA SER D 180 20.66 -9.27 -9.20
C SER D 180 20.41 -7.97 -9.98
N ILE D 181 19.14 -7.65 -10.21
CA ILE D 181 18.73 -6.40 -10.88
C ILE D 181 18.09 -5.48 -9.85
N ILE D 182 18.53 -4.22 -9.81
CA ILE D 182 18.01 -3.26 -8.87
C ILE D 182 17.52 -2.06 -9.68
N THR D 183 16.23 -1.77 -9.55
CA THR D 183 15.65 -0.64 -10.29
C THR D 183 15.34 0.50 -9.31
N THR D 184 15.00 1.66 -9.87
CA THR D 184 14.90 2.87 -9.03
C THR D 184 13.56 3.55 -9.23
N SER D 185 12.74 3.46 -8.18
CA SER D 185 11.47 4.12 -8.11
C SER D 185 11.62 5.39 -7.23
N SER D 186 10.59 5.73 -6.45
CA SER D 186 10.63 6.95 -5.64
C SER D 186 9.48 6.91 -4.67
N ILE D 187 9.57 7.71 -3.61
CA ILE D 187 8.38 8.04 -2.84
C ILE D 187 7.23 8.52 -3.73
N GLN D 188 7.56 9.16 -4.85
CA GLN D 188 6.56 9.68 -5.78
C GLN D 188 5.65 8.57 -6.32
N ALA D 189 6.13 7.32 -6.33
CA ALA D 189 5.27 6.21 -6.76
C ALA D 189 4.05 6.01 -5.84
N TYR D 190 4.19 6.40 -4.58
CA TYR D 190 3.13 6.27 -3.58
C TYR D 190 2.43 7.60 -3.31
N GLN D 191 3.18 8.69 -3.37
CA GLN D 191 2.68 10.02 -3.00
C GLN D 191 3.04 10.97 -4.15
N PRO D 192 2.33 10.86 -5.29
CA PRO D 192 2.71 11.68 -6.45
C PRO D 192 2.41 13.13 -6.20
N SER D 193 3.35 13.99 -6.57
CA SER D 193 3.16 15.43 -6.43
C SER D 193 2.58 16.01 -7.70
N PRO D 194 1.75 17.04 -7.58
CA PRO D 194 1.06 17.58 -8.77
C PRO D 194 1.96 18.26 -9.78
N HIS D 195 3.21 18.58 -9.43
CA HIS D 195 4.15 19.15 -10.40
C HIS D 195 4.94 18.08 -11.15
N LEU D 196 4.65 16.80 -10.88
CA LEU D 196 5.42 15.70 -11.47
C LEU D 196 4.52 14.63 -12.08
N LEU D 197 3.52 15.03 -12.84
CA LEU D 197 2.50 14.06 -13.31
C LEU D 197 3.09 12.92 -14.14
N ASP D 198 3.94 13.24 -15.11
CA ASP D 198 4.55 12.20 -15.93
C ASP D 198 5.59 11.41 -15.14
N TYR D 199 6.48 12.12 -14.47
CA TYR D 199 7.57 11.50 -13.72
C TYR D 199 7.05 10.53 -12.65
N ALA D 200 6.11 10.98 -11.83
CA ALA D 200 5.63 10.11 -10.74
C ALA D 200 4.96 8.87 -11.33
N ALA D 201 4.26 9.03 -12.44
CA ALA D 201 3.61 7.87 -13.07
C ALA D 201 4.68 6.87 -13.57
N THR D 202 5.80 7.39 -14.09
CA THR D 202 6.89 6.47 -14.46
C THR D 202 7.47 5.73 -13.25
N LYS D 203 7.54 6.41 -12.11
CA LYS D 203 8.10 5.76 -10.94
C LYS D 203 7.19 4.63 -10.43
N ALA D 204 5.88 4.84 -10.51
CA ALA D 204 4.93 3.74 -10.22
C ALA D 204 5.06 2.62 -11.25
N ALA D 205 5.20 2.95 -12.53
CA ALA D 205 5.36 1.91 -13.54
C ALA D 205 6.64 1.09 -13.33
N ILE D 206 7.74 1.74 -12.93
CA ILE D 206 8.99 1.03 -12.65
C ILE D 206 8.79 0.02 -11.52
N LEU D 207 8.17 0.46 -10.45
CA LEU D 207 7.94 -0.40 -9.30
C LEU D 207 7.15 -1.64 -9.72
N ASN D 208 6.06 -1.41 -10.44
CA ASN D 208 5.20 -2.51 -10.84
C ASN D 208 5.88 -3.47 -11.82
N TYR D 209 6.53 -2.92 -12.85
CA TYR D 209 7.21 -3.76 -13.84
C TYR D 209 8.28 -4.62 -13.17
N SER D 210 8.97 -4.03 -12.21
CA SER D 210 10.04 -4.73 -11.50
C SER D 210 9.47 -5.94 -10.73
N ARG D 211 8.32 -5.77 -10.09
CA ARG D 211 7.70 -6.89 -9.37
C ARG D 211 7.25 -7.98 -10.33
N GLY D 212 6.64 -7.59 -11.44
CA GLY D 212 6.19 -8.58 -12.42
C GLY D 212 7.36 -9.32 -13.00
N LEU D 213 8.43 -8.59 -13.31
CA LEU D 213 9.63 -9.21 -13.88
C LEU D 213 10.26 -10.18 -12.87
N ALA D 214 10.30 -9.80 -11.62
CA ALA D 214 10.86 -10.65 -10.58
C ALA D 214 10.11 -11.97 -10.54
N LYS D 215 8.79 -11.92 -10.64
CA LYS D 215 7.99 -13.15 -10.66
C LYS D 215 8.31 -14.00 -11.87
N GLN D 216 8.51 -13.37 -13.03
CA GLN D 216 8.76 -14.12 -14.24
C GLN D 216 10.14 -14.79 -14.24
N VAL D 217 11.14 -14.12 -13.65
CA VAL D 217 12.51 -14.63 -13.76
C VAL D 217 13.04 -15.32 -12.52
N ALA D 218 12.21 -15.45 -11.48
CA ALA D 218 12.62 -16.15 -10.28
C ALA D 218 13.15 -17.54 -10.61
N GLU D 219 12.48 -18.24 -11.53
CA GLU D 219 12.89 -19.61 -11.83
C GLU D 219 14.26 -19.69 -12.50
N LYS D 220 14.71 -18.58 -13.08
CA LYS D 220 16.03 -18.49 -13.73
C LYS D 220 17.09 -18.12 -12.70
N GLY D 221 16.71 -18.01 -11.43
CA GLY D 221 17.70 -17.67 -10.42
C GLY D 221 18.13 -16.21 -10.40
N ILE D 222 17.33 -15.35 -11.04
CA ILE D 222 17.60 -13.93 -11.10
C ILE D 222 16.66 -13.23 -10.13
N ARG D 223 17.15 -12.27 -9.36
CA ARG D 223 16.31 -11.48 -8.44
C ARG D 223 16.16 -10.08 -9.00
N VAL D 224 15.01 -9.46 -8.74
CA VAL D 224 14.74 -8.08 -9.20
C VAL D 224 14.10 -7.34 -8.05
N ASN D 225 14.72 -6.26 -7.60
CA ASN D 225 14.22 -5.48 -6.47
C ASN D 225 14.29 -4.02 -6.80
N ILE D 226 13.66 -3.19 -5.95
CA ILE D 226 13.46 -1.78 -6.25
C ILE D 226 13.91 -0.94 -5.06
N VAL D 227 14.61 0.17 -5.36
CA VAL D 227 14.93 1.16 -4.34
C VAL D 227 14.08 2.39 -4.63
N ALA D 228 13.43 2.93 -3.61
CA ALA D 228 12.57 4.11 -3.75
C ALA D 228 13.06 5.19 -2.79
N PRO D 229 13.95 6.08 -3.28
CA PRO D 229 14.41 7.18 -2.42
C PRO D 229 13.34 8.24 -2.15
N GLY D 230 13.51 8.98 -1.07
CA GLY D 230 12.82 10.24 -0.82
C GLY D 230 13.65 11.39 -1.38
N PRO D 231 13.59 12.56 -0.74
CA PRO D 231 14.28 13.73 -1.33
C PRO D 231 15.78 13.67 -1.11
N ILE D 232 16.52 13.48 -2.21
CA ILE D 232 17.98 13.33 -2.19
C ILE D 232 18.57 14.52 -3.01
N TRP D 233 19.56 15.19 -2.43
CA TRP D 233 20.20 16.34 -3.09
C TRP D 233 21.07 15.87 -4.28
N THR D 234 20.60 16.18 -5.49
CA THR D 234 21.25 15.68 -6.72
C THR D 234 21.03 16.66 -7.88
N ALA D 235 21.80 16.46 -8.94
CA ALA D 235 21.70 17.30 -10.13
C ALA D 235 20.34 17.21 -10.80
N LEU D 236 19.61 16.10 -10.60
CA LEU D 236 18.30 15.95 -11.19
C LEU D 236 17.39 17.05 -10.66
N GLN D 237 17.60 17.41 -9.39
CA GLN D 237 16.71 18.35 -8.73
C GLN D 237 16.97 19.79 -9.14
N ILE D 238 18.21 20.13 -9.54
CA ILE D 238 18.56 21.52 -9.89
C ILE D 238 18.67 21.74 -11.41
N SER D 239 18.38 20.71 -12.20
CA SER D 239 18.39 20.85 -13.66
C SER D 239 17.00 20.73 -14.23
N GLY D 240 15.99 20.99 -13.40
CA GLY D 240 14.61 21.06 -13.85
C GLY D 240 13.67 20.14 -13.07
N GLY D 241 14.20 19.24 -12.24
CA GLY D 241 13.35 18.28 -11.55
C GLY D 241 12.47 18.90 -10.48
N GLN D 242 12.93 19.99 -9.87
CA GLN D 242 12.09 20.76 -8.97
C GLN D 242 11.86 22.16 -9.52
N THR D 243 10.77 22.79 -9.12
CA THR D 243 10.66 24.23 -9.37
C THR D 243 11.70 24.97 -8.51
N GLN D 244 12.12 26.15 -8.96
CA GLN D 244 13.07 26.95 -8.21
C GLN D 244 12.61 27.23 -6.80
N ASP D 245 11.32 27.47 -6.64
CA ASP D 245 10.79 27.80 -5.32
C ASP D 245 10.86 26.63 -4.34
N LYS D 246 10.97 25.41 -4.87
CA LYS D 246 11.08 24.23 -4.01
C LYS D 246 12.50 23.88 -3.61
N ILE D 247 13.49 24.54 -4.19
CA ILE D 247 14.88 24.22 -3.88
CA ILE D 247 14.88 24.21 -3.89
C ILE D 247 15.33 24.63 -2.47
N PRO D 248 15.02 25.88 -2.06
CA PRO D 248 15.60 26.29 -0.76
C PRO D 248 15.31 25.37 0.41
N GLN D 249 14.07 24.92 0.59
CA GLN D 249 13.73 24.06 1.73
C GLN D 249 13.66 22.59 1.34
N PHE D 250 14.31 22.22 0.25
CA PHE D 250 14.31 20.82 -0.22
C PHE D 250 14.71 19.88 0.91
N GLY D 251 13.88 18.85 1.15
CA GLY D 251 14.14 17.86 2.18
C GLY D 251 13.66 18.22 3.59
N GLN D 252 13.36 19.49 3.88
CA GLN D 252 13.13 19.88 5.28
C GLN D 252 11.77 19.42 5.80
N GLN D 253 10.90 18.96 4.91
CA GLN D 253 9.57 18.50 5.30
C GLN D 253 9.58 17.05 5.80
N THR D 254 10.65 16.29 5.59
CA THR D 254 10.73 14.92 6.09
C THR D 254 10.77 14.91 7.62
N PRO D 255 10.39 13.79 8.23
CA PRO D 255 10.55 13.69 9.68
C PRO D 255 11.98 13.96 10.15
N MET D 256 12.99 13.60 9.36
CA MET D 256 14.38 13.88 9.74
C MET D 256 14.79 15.33 9.54
N LYS D 257 13.95 16.11 8.85
CA LYS D 257 14.12 17.55 8.64
C LYS D 257 15.33 17.90 7.77
N ARG D 258 15.75 16.98 6.92
CA ARG D 258 16.81 17.28 5.96
C ARG D 258 16.61 16.39 4.74
N ALA D 259 17.22 16.78 3.62
CA ALA D 259 17.35 15.91 2.46
C ALA D 259 18.40 14.84 2.76
N GLY D 260 18.29 13.73 2.04
CA GLY D 260 19.37 12.76 2.05
C GLY D 260 20.49 13.18 1.10
N GLN D 261 21.68 12.64 1.34
CA GLN D 261 22.76 12.73 0.35
C GLN D 261 22.86 11.39 -0.37
N PRO D 262 23.31 11.40 -1.63
CA PRO D 262 23.37 10.13 -2.38
C PRO D 262 24.14 9.03 -1.66
N ALA D 263 25.19 9.38 -0.91
CA ALA D 263 25.93 8.40 -0.11
C ALA D 263 25.00 7.44 0.63
N GLU D 264 23.88 7.97 1.15
CA GLU D 264 23.00 7.24 2.02
C GLU D 264 22.18 6.19 1.32
N LEU D 265 22.23 6.17 -0.01
CA LEU D 265 21.56 5.16 -0.81
C LEU D 265 22.46 3.96 -1.07
N ALA D 266 23.78 4.13 -0.99
CA ALA D 266 24.65 3.02 -1.38
C ALA D 266 24.39 1.73 -0.59
N PRO D 267 24.20 1.83 0.73
CA PRO D 267 24.09 0.56 1.49
C PRO D 267 22.93 -0.33 1.00
N VAL D 268 21.77 0.21 0.62
CA VAL D 268 20.71 -0.68 0.16
C VAL D 268 21.01 -1.24 -1.23
N TYR D 269 21.67 -0.46 -2.08
CA TYR D 269 22.06 -1.00 -3.39
C TYR D 269 23.05 -2.17 -3.25
N VAL D 270 23.91 -2.11 -2.24
CA VAL D 270 24.84 -3.20 -1.94
C VAL D 270 24.11 -4.43 -1.36
N TYR D 271 23.22 -4.19 -0.40
CA TYR D 271 22.41 -5.26 0.20
C TYR D 271 21.69 -6.06 -0.88
N LEU D 272 21.06 -5.35 -1.82
CA LEU D 272 20.25 -6.00 -2.86
C LEU D 272 21.12 -6.69 -3.92
N ALA D 273 22.27 -6.08 -4.28
CA ALA D 273 23.18 -6.73 -5.24
C ALA D 273 23.79 -8.01 -4.66
N SER D 274 24.13 -7.97 -3.38
CA SER D 274 24.81 -9.07 -2.71
C SER D 274 23.98 -10.34 -2.64
N GLN D 275 24.67 -11.47 -2.66
CA GLN D 275 24.02 -12.77 -2.54
CA GLN D 275 23.98 -12.74 -2.56
C GLN D 275 23.33 -12.93 -1.19
N GLU D 276 23.70 -12.08 -0.22
CA GLU D 276 23.08 -12.11 1.11
C GLU D 276 21.55 -11.93 1.06
N SER D 277 21.06 -11.23 0.04
CA SER D 277 19.63 -10.98 -0.06
C SER D 277 18.93 -12.08 -0.89
N SER D 278 19.36 -13.32 -0.67
CA SER D 278 18.87 -14.46 -1.43
C SER D 278 17.36 -14.70 -1.38
N TYR D 279 16.67 -14.32 -0.30
CA TYR D 279 15.22 -14.53 -0.23
C TYR D 279 14.44 -13.24 -0.52
N VAL D 280 15.13 -12.25 -1.10
CA VAL D 280 14.52 -10.96 -1.42
C VAL D 280 14.38 -10.81 -2.93
N THR D 281 13.14 -10.81 -3.40
CA THR D 281 12.87 -10.46 -4.77
C THR D 281 11.49 -9.82 -4.81
N ALA D 282 11.28 -8.94 -5.78
CA ALA D 282 10.02 -8.18 -5.98
C ALA D 282 9.75 -7.17 -4.87
N GLU D 283 10.76 -6.82 -4.08
CA GLU D 283 10.52 -5.92 -2.92
C GLU D 283 11.07 -4.51 -3.14
N VAL D 284 10.38 -3.51 -2.60
CA VAL D 284 10.78 -2.12 -2.71
C VAL D 284 11.33 -1.66 -1.35
N HIS D 285 12.37 -0.84 -1.43
CA HIS D 285 13.10 -0.39 -0.24
C HIS D 285 13.16 1.12 -0.20
N GLY D 286 12.58 1.68 0.84
CA GLY D 286 12.55 3.12 1.01
C GLY D 286 13.74 3.69 1.75
N VAL D 287 14.23 4.84 1.26
CA VAL D 287 15.32 5.58 1.92
C VAL D 287 14.86 7.04 1.85
N CYS D 288 13.99 7.43 2.77
CA CYS D 288 13.24 8.68 2.65
C CYS D 288 13.22 9.63 3.83
N GLY D 289 14.10 9.44 4.80
CA GLY D 289 14.14 10.35 5.93
C GLY D 289 12.85 10.34 6.75
N GLY D 290 12.13 9.23 6.68
CA GLY D 290 10.86 9.06 7.37
C GLY D 290 9.61 9.43 6.56
N GLU D 291 9.79 9.94 5.34
CA GLU D 291 8.67 10.21 4.44
C GLU D 291 8.41 8.88 3.74
N HIS D 292 7.85 7.95 4.52
CA HIS D 292 7.82 6.55 4.19
C HIS D 292 6.94 6.13 3.03
N LEU D 293 7.35 5.05 2.40
CA LEU D 293 6.54 4.41 1.37
C LEU D 293 5.25 3.83 1.99
N GLY D 294 4.41 3.23 1.16
N GLY D 294 4.32 3.51 1.08
CA GLY D 294 3.36 2.36 1.71
CA GLY D 294 3.04 2.84 1.36
C GLY D 294 3.87 1.00 2.24
C GLY D 294 1.78 3.54 0.79
PA NAD E . -17.89 10.64 16.98
O1A NAD E . -19.12 11.36 16.47
O2A NAD E . -17.32 11.09 18.29
O5B NAD E . -18.11 9.01 16.96
C5B NAD E . -17.35 8.13 17.80
C4B NAD E . -18.38 7.34 18.59
O4B NAD E . -17.66 6.32 19.24
C3B NAD E . -19.06 8.10 19.74
O3B NAD E . -20.23 8.76 19.29
C2B NAD E . -19.32 6.97 20.74
O2B NAD E . -20.67 6.57 20.72
C1B NAD E . -18.50 5.80 20.24
N9A NAD E . -17.69 5.23 21.34
C8A NAD E . -16.49 5.65 21.83
N7A NAD E . -16.12 4.89 22.86
C5A NAD E . -17.12 3.99 23.09
C6A NAD E . -17.30 2.96 24.01
N6A NAD E . -16.45 2.74 25.02
N1A NAD E . -18.46 2.22 23.95
C2A NAD E . -19.43 2.45 23.00
N3A NAD E . -19.23 3.46 22.10
C4A NAD E . -18.10 4.21 22.14
O3 NAD E . -16.66 10.86 15.92
PN NAD E . -16.34 10.16 14.48
O1N NAD E . -15.09 10.88 13.99
O2N NAD E . -17.60 10.13 13.65
O5D NAD E . -15.89 8.65 14.94
C5D NAD E . -16.43 7.54 14.24
C4D NAD E . -15.32 6.70 13.63
O4D NAD E . -14.70 7.49 12.62
C3D NAD E . -14.23 6.27 14.64
O3D NAD E . -14.04 4.86 14.57
C2D NAD E . -13.00 7.01 14.12
O2D NAD E . -11.82 6.24 14.29
C1D NAD E . -13.35 7.15 12.65
N1N NAD E . -12.58 8.22 11.97
C2N NAD E . -12.80 9.55 12.23
C3N NAD E . -12.05 10.51 11.57
C7N NAD E . -12.30 11.94 11.85
O7N NAD E . -11.38 12.84 11.39
N7N NAD E . -13.35 12.39 12.51
C4N NAD E . -11.09 10.16 10.62
C5N NAD E . -10.90 8.79 10.36
C6N NAD E . -11.65 7.82 11.03
C FMT F . -8.41 10.24 12.44
O1 FMT F . -7.83 11.00 11.66
O2 FMT F . -8.46 9.02 12.21
MG MG G . -21.01 10.58 20.16
PA NAD H . -13.68 -4.55 -22.87
O1A NAD H . -12.93 -5.24 -23.95
O2A NAD H . -15.15 -4.66 -22.89
O5B NAD H . -13.32 -3.00 -22.85
C5B NAD H . -12.06 -2.48 -23.29
C4B NAD H . -12.36 -1.40 -24.32
O4B NAD H . -11.11 -0.79 -24.67
C3B NAD H . -12.88 -1.90 -25.67
O3B NAD H . -14.30 -2.06 -25.68
C2B NAD H . -12.35 -0.84 -26.65
O2B NAD H . -13.38 0.04 -27.05
C1B NAD H . -11.34 -0.05 -25.84
N9A NAD H . -10.06 0.13 -26.56
C8A NAD H . -9.02 -0.72 -26.65
N7A NAD H . -8.07 -0.25 -27.46
C5A NAD H . -8.54 0.95 -27.95
C6A NAD H . -8.00 1.90 -28.81
N6A NAD H . -6.83 1.76 -29.41
N1A NAD H . -8.73 3.02 -29.09
C2A NAD H . -9.97 3.18 -28.52
N3A NAD H . -10.53 2.28 -27.66
C4A NAD H . -9.80 1.18 -27.38
O3 NAD H . -13.05 -5.13 -21.51
PN NAD H . -13.00 -4.53 -20.00
O1N NAD H . -14.33 -4.00 -19.58
O2N NAD H . -12.36 -5.57 -19.19
O5D NAD H . -11.94 -3.35 -20.17
C5D NAD H . -12.22 -2.06 -19.65
C4D NAD H . -11.15 -1.65 -18.65
O4D NAD H . -11.21 -2.53 -17.52
C3D NAD H . -9.71 -1.72 -19.18
O3D NAD H . -9.02 -0.47 -18.93
C2D NAD H . -9.06 -2.79 -18.32
O2D NAD H . -7.68 -2.54 -18.11
C1D NAD H . -9.90 -2.71 -17.05
N1N NAD H . -9.85 -3.96 -16.24
C2N NAD H . -10.46 -5.09 -16.70
C3N NAD H . -10.39 -6.22 -15.90
C7N NAD H . -11.07 -7.49 -16.32
O7N NAD H . -10.71 -8.60 -15.63
N7N NAD H . -11.93 -7.54 -17.29
C4N NAD H . -9.72 -6.18 -14.69
C5N NAD H . -9.11 -5.01 -14.24
C6N NAD H . -9.18 -3.90 -15.05
C FMT I . -6.72 -7.39 -15.50
O1 FMT I . -6.85 -8.26 -14.64
O2 FMT I . -6.48 -6.22 -15.17
MG MG J . -15.31 -3.51 -26.89
S SO4 K . -29.34 -7.39 -29.96
O1 SO4 K . -28.16 -6.81 -30.58
O2 SO4 K . -29.88 -6.47 -28.97
O3 SO4 K . -30.35 -7.65 -30.99
O4 SO4 K . -28.99 -8.65 -29.31
PA NAD L . 10.35 -18.53 16.63
O1A NAD L . 11.76 -19.03 16.39
O2A NAD L . 9.35 -19.49 17.27
O5B NAD L . 10.40 -17.09 17.38
C5B NAD L . 9.31 -16.58 18.12
C4B NAD L . 9.84 -16.31 19.51
O4B NAD L . 8.82 -15.59 20.18
C3B NAD L . 10.09 -17.54 20.40
O3B NAD L . 11.41 -18.06 20.21
C2B NAD L . 9.82 -16.98 21.78
O2B NAD L . 11.03 -16.73 22.49
C1B NAD L . 9.15 -15.61 21.55
N9A NAD L . 7.93 -15.47 22.36
C8A NAD L . 6.67 -15.94 22.10
N7A NAD L . 5.86 -15.64 23.11
C5A NAD L . 6.59 -15.01 24.07
C6A NAD L . 6.30 -14.51 25.31
N6A NAD L . 5.10 -14.67 25.88
N1A NAD L . 7.31 -13.91 26.02
C2A NAD L . 8.60 -13.84 25.54
N3A NAD L . 8.87 -14.34 24.30
C4A NAD L . 7.89 -14.92 23.58
O3 NAD L . 9.68 -18.19 15.18
PN NAD L . 9.90 -16.95 14.12
O1N NAD L . 11.39 -16.69 13.96
O2N NAD L . 9.03 -17.34 12.97
O5D NAD L . 9.18 -15.75 14.96
C5D NAD L . 9.85 -14.48 15.07
C4D NAD L . 9.02 -13.36 14.44
O4D NAD L . 8.92 -13.61 13.06
C3D NAD L . 7.59 -13.29 14.99
O3D NAD L . 7.31 -11.98 15.46
C2D NAD L . 6.73 -13.64 13.78
O2D NAD L . 5.50 -12.93 13.78
C1D NAD L . 7.65 -13.18 12.63
N1N NAD L . 7.32 -13.80 11.35
C2N NAD L . 7.55 -15.12 11.11
C3N NAD L . 7.22 -15.66 9.88
C7N NAD L . 7.50 -17.10 9.61
O7N NAD L . 6.96 -17.61 8.49
N7N NAD L . 8.27 -17.83 10.41
C4N NAD L . 6.65 -14.85 8.87
C5N NAD L . 6.46 -13.51 9.14
C6N NAD L . 6.80 -13.00 10.38
C FMT M . 3.53 -15.43 9.19
O1 FMT M . 3.48 -15.75 8.01
O2 FMT M . 3.55 -14.27 9.56
MG MG N . 11.92 -20.12 20.48
PA NAD O . 21.31 12.47 -11.11
O1A NAD O . 20.99 13.60 -12.05
O2A NAD O . 22.64 12.46 -10.41
O5B NAD O . 21.10 11.05 -11.88
C5B NAD O . 20.24 10.96 -13.00
C4B NAD O . 21.04 10.32 -14.11
O4B NAD O . 20.13 9.93 -15.13
C3B NAD O . 22.01 11.29 -14.81
O3B NAD O . 23.25 11.36 -14.14
C2B NAD O . 22.06 10.73 -16.23
O2B NAD O . 23.22 9.97 -16.46
C1B NAD O . 20.89 9.76 -16.29
N9A NAD O . 20.06 10.00 -17.48
C8A NAD O . 19.02 10.90 -17.61
N7A NAD O . 18.54 10.83 -18.85
C5A NAD O . 19.27 9.93 -19.55
C6A NAD O . 19.23 9.46 -20.85
N6A NAD O . 18.41 10.00 -21.76
N1A NAD O . 20.13 8.51 -21.24
C2A NAD O . 21.05 8.03 -20.34
N3A NAD O . 21.10 8.47 -19.05
C4A NAD O . 20.21 9.40 -18.66
O3 NAD O . 20.12 12.51 -10.00
PN NAD O . 19.51 11.32 -9.06
O1N NAD O . 18.49 12.04 -8.24
O2N NAD O . 20.63 10.55 -8.42
O5D NAD O . 18.77 10.37 -10.14
C5D NAD O . 18.92 8.94 -10.14
C4D NAD O . 17.58 8.23 -9.91
O4D NAD O . 17.12 8.56 -8.61
C3D NAD O . 16.49 8.64 -10.90
O3D NAD O . 15.97 7.47 -11.50
C2D NAD O . 15.45 9.34 -10.03
O2D NAD O . 14.14 9.10 -10.51
C1D NAD O . 15.72 8.67 -8.69
N1N NAD O . 15.21 9.44 -7.56
C2N NAD O . 15.78 10.63 -7.17
C3N NAD O . 15.26 11.32 -6.10
C7N NAD O . 15.91 12.58 -5.64
O7N NAD O . 15.20 13.32 -4.76
N7N NAD O . 17.12 12.95 -6.06
C4N NAD O . 14.18 10.78 -5.39
C5N NAD O . 13.64 9.58 -5.80
C6N NAD O . 14.15 8.88 -6.88
C FMT P . 11.76 12.38 -6.67
O1 FMT P . 11.48 11.25 -7.08
O2 FMT P . 11.38 12.87 -5.62
MG MG Q . 24.54 13.09 -14.14
#